data_3IA7
#
_entry.id   3IA7
#
_cell.length_a   84.749
_cell.length_b   66.966
_cell.length_c   86.616
_cell.angle_alpha   90.000
_cell.angle_beta   93.530
_cell.angle_gamma   90.000
#
_symmetry.space_group_name_H-M   'P 1 21 1'
#
loop_
_entity.id
_entity.type
_entity.pdbx_description
1 polymer CalG4
2 non-polymer 'CALCIUM ION'
3 non-polymer 'CHLORIDE ION'
4 water water
#
_entity_poly.entity_id   1
_entity_poly.type   'polypeptide(L)'
_entity_poly.pdbx_seq_one_letter_code
;H(MSE)RQRHILFANVQGHGHVYPSLGLVSELARRGHRITYVTTPLFADEVKAAGAEVVLYKSEFDTFHVPEVVKQEDAE
TQLHLVYVRENVAILRAAEEALGDNPPDLVVYDVFPFIAGRLLAARWDRPAVRLTGGFAANEHYSLFKELWKSNGQRHPA
DVEAVHSVLVDLLGKYGVDTPVKEYWDEIEGLTIVFLPKSFQPFAETFDERFAFVGPTLTGRDGQPGWQPPRPDAPVLLV
SLGNQFNEHPEFFRACAQAFADTPWHVV(MSE)AIGGFLDPAVLGPLPPNVEAHQWIPFHSVLAHARACLTHGTTGAVLE
AFAAGVPLVLVPHFATEAAPSAERVIELGLGSVLRPDQLEPASIREAVERLAADSAVRERVRR(MSE)QRDILSSGGPAR
AADEVEAYLGRVAP
;
_entity_poly.pdbx_strand_id   A,B
#
# COMPACT_ATOMS: atom_id res chain seq x y z
N ARG A 3 10.74 -17.01 -18.33
CA ARG A 3 10.39 -16.28 -19.56
C ARG A 3 9.00 -15.61 -19.47
N GLN A 4 8.84 -14.49 -20.19
CA GLN A 4 7.59 -13.73 -20.23
C GLN A 4 6.43 -14.65 -20.63
N ARG A 5 5.40 -14.66 -19.79
CA ARG A 5 4.16 -15.33 -20.06
C ARG A 5 3.02 -14.34 -20.21
N HIS A 6 2.02 -14.72 -20.97
CA HIS A 6 0.85 -13.90 -21.12
C HIS A 6 -0.20 -14.43 -20.12
N ILE A 7 -0.50 -13.61 -19.12
CA ILE A 7 -1.35 -14.08 -18.05
C ILE A 7 -2.64 -13.27 -18.04
N LEU A 8 -3.78 -13.93 -18.16
CA LEU A 8 -5.06 -13.21 -18.13
C LEU A 8 -5.73 -13.32 -16.76
N PHE A 9 -6.15 -12.17 -16.21
CA PHE A 9 -6.96 -12.16 -14.99
C PHE A 9 -8.42 -11.89 -15.35
N ALA A 10 -9.29 -12.76 -14.91
CA ALA A 10 -10.74 -12.53 -15.03
C ALA A 10 -11.32 -12.21 -13.64
N ASN A 11 -11.92 -11.02 -13.49
CA ASN A 11 -12.46 -10.63 -12.21
C ASN A 11 -13.77 -9.88 -12.37
N VAL A 12 -14.59 -9.90 -11.33
CA VAL A 12 -15.82 -9.13 -11.31
C VAL A 12 -15.48 -7.69 -10.86
N GLN A 13 -16.37 -6.74 -11.11
CA GLN A 13 -16.08 -5.40 -10.62
C GLN A 13 -16.38 -5.37 -9.10
N GLY A 14 -15.80 -4.43 -8.40
CA GLY A 14 -16.09 -4.31 -6.98
C GLY A 14 -14.77 -4.32 -6.24
N HIS A 15 -14.69 -3.38 -5.31
CA HIS A 15 -13.46 -3.11 -4.64
C HIS A 15 -12.94 -4.38 -3.95
N GLY A 16 -13.87 -5.11 -3.32
CA GLY A 16 -13.53 -6.28 -2.51
C GLY A 16 -12.96 -7.44 -3.32
N HIS A 17 -13.23 -7.45 -4.62
CA HIS A 17 -12.75 -8.50 -5.51
C HIS A 17 -11.51 -8.01 -6.24
N VAL A 18 -11.48 -6.74 -6.60
CA VAL A 18 -10.37 -6.24 -7.40
C VAL A 18 -9.12 -6.01 -6.54
N TYR A 19 -9.29 -5.34 -5.40
CA TYR A 19 -8.13 -4.82 -4.64
C TYR A 19 -7.13 -5.89 -4.18
N PRO A 20 -7.61 -6.99 -3.57
CA PRO A 20 -6.66 -8.01 -3.12
C PRO A 20 -5.79 -8.63 -4.26
N SER A 21 -6.32 -8.67 -5.47
CA SER A 21 -5.65 -9.25 -6.69
C SER A 21 -4.51 -8.35 -7.17
N LEU A 22 -4.60 -7.05 -6.86
CA LEU A 22 -3.75 -6.06 -7.53
C LEU A 22 -2.27 -6.20 -7.19
N GLY A 23 -1.96 -6.49 -5.94
CA GLY A 23 -0.58 -6.81 -5.49
C GLY A 23 0.05 -7.92 -6.35
N LEU A 24 -0.71 -9.00 -6.58
CA LEU A 24 -0.26 -10.09 -7.47
C LEU A 24 -0.04 -9.64 -8.90
N VAL A 25 -0.99 -8.87 -9.44
CA VAL A 25 -0.84 -8.29 -10.78
C VAL A 25 0.52 -7.57 -10.90
N SER A 26 0.78 -6.64 -9.98
CA SER A 26 1.99 -5.83 -10.04
C SER A 26 3.25 -6.65 -9.92
N GLU A 27 3.24 -7.62 -9.01
CA GLU A 27 4.41 -8.46 -8.80
C GLU A 27 4.71 -9.32 -10.04
N LEU A 28 3.66 -9.84 -10.66
CA LEU A 28 3.85 -10.57 -11.97
C LEU A 28 4.37 -9.68 -13.12
N ALA A 29 3.77 -8.51 -13.24
CA ALA A 29 4.23 -7.49 -14.20
C ALA A 29 5.71 -7.12 -13.94
N ARG A 30 6.10 -6.95 -12.68
CA ARG A 30 7.49 -6.66 -12.33
C ARG A 30 8.43 -7.74 -12.84
N ARG A 31 7.96 -8.97 -12.83
CA ARG A 31 8.72 -10.09 -13.29
C ARG A 31 8.74 -10.22 -14.81
N GLY A 32 8.17 -9.26 -15.53
CA GLY A 32 8.25 -9.30 -17.01
C GLY A 32 7.05 -9.91 -17.74
N HIS A 33 6.07 -10.42 -17.00
CA HIS A 33 4.85 -11.02 -17.58
C HIS A 33 3.89 -9.99 -18.15
N ARG A 34 3.28 -10.34 -19.27
CA ARG A 34 2.24 -9.53 -19.91
C ARG A 34 0.92 -9.88 -19.23
N ILE A 35 0.32 -8.90 -18.57
CA ILE A 35 -0.93 -9.11 -17.85
C ILE A 35 -2.09 -8.42 -18.56
N THR A 36 -3.13 -9.19 -18.85
CA THR A 36 -4.36 -8.66 -19.39
C THR A 36 -5.40 -8.88 -18.29
N TYR A 37 -6.33 -7.95 -18.14
CA TYR A 37 -7.18 -8.00 -16.97
C TYR A 37 -8.59 -7.56 -17.40
N VAL A 38 -9.56 -8.46 -17.18
CA VAL A 38 -10.96 -8.17 -17.50
C VAL A 38 -11.66 -7.44 -16.34
N THR A 39 -12.15 -6.23 -16.65
CA THR A 39 -12.82 -5.43 -15.65
C THR A 39 -13.76 -4.41 -16.30
N THR A 40 -14.38 -3.55 -15.49
CA THR A 40 -15.29 -2.55 -16.01
C THR A 40 -14.61 -1.18 -16.05
N PRO A 41 -15.22 -0.21 -16.73
CA PRO A 41 -14.58 1.08 -16.74
C PRO A 41 -14.29 1.62 -15.32
N LEU A 42 -15.16 1.27 -14.36
CA LEU A 42 -15.01 1.76 -12.98
C LEU A 42 -13.66 1.40 -12.34
N PHE A 43 -13.12 0.27 -12.70
CA PHE A 43 -11.82 -0.14 -12.19
C PHE A 43 -10.68 -0.19 -13.17
N ALA A 44 -10.93 0.27 -14.43
CA ALA A 44 -9.96 0.18 -15.51
C ALA A 44 -8.68 0.97 -15.17
N ASP A 45 -8.86 2.17 -14.61
CA ASP A 45 -7.70 3.01 -14.25
C ASP A 45 -6.81 2.38 -13.18
N GLU A 46 -7.46 1.78 -12.19
CA GLU A 46 -6.78 1.19 -11.06
C GLU A 46 -5.95 -0.04 -11.54
N VAL A 47 -6.53 -0.83 -12.42
CA VAL A 47 -5.90 -2.03 -12.93
C VAL A 47 -4.70 -1.67 -13.86
N LYS A 48 -4.87 -0.63 -14.67
CA LYS A 48 -3.82 -0.14 -15.53
C LYS A 48 -2.65 0.35 -14.73
N ALA A 49 -2.93 1.09 -13.66
CA ALA A 49 -1.86 1.59 -12.80
C ALA A 49 -1.08 0.45 -12.15
N ALA A 50 -1.77 -0.66 -11.91
CA ALA A 50 -1.15 -1.87 -11.35
C ALA A 50 -0.22 -2.60 -12.36
N GLY A 51 -0.30 -2.24 -13.62
CA GLY A 51 0.58 -2.82 -14.64
C GLY A 51 -0.13 -3.72 -15.67
N ALA A 52 -1.46 -3.78 -15.64
CA ALA A 52 -2.19 -4.61 -16.61
C ALA A 52 -2.82 -3.84 -17.75
N GLU A 53 -2.92 -4.51 -18.91
CA GLU A 53 -3.76 -4.06 -20.02
C GLU A 53 -5.18 -4.46 -19.70
N VAL A 54 -6.18 -3.66 -20.10
CA VAL A 54 -7.57 -3.91 -19.69
C VAL A 54 -8.41 -4.41 -20.90
N VAL A 55 -9.24 -5.40 -20.62
CA VAL A 55 -10.31 -5.84 -21.51
C VAL A 55 -11.59 -5.45 -20.75
N LEU A 56 -12.38 -4.55 -21.33
CA LEU A 56 -13.63 -4.12 -20.65
C LEU A 56 -14.78 -5.08 -20.86
N TYR A 57 -15.60 -5.24 -19.81
CA TYR A 57 -16.88 -5.90 -19.94
C TYR A 57 -17.94 -4.97 -19.33
N LYS A 58 -19.18 -5.24 -19.71
CA LYS A 58 -20.34 -4.54 -19.23
C LYS A 58 -20.99 -5.37 -18.14
N SER A 59 -21.03 -4.80 -16.94
CA SER A 59 -21.60 -5.50 -15.79
C SER A 59 -23.10 -5.48 -15.77
N GLU A 60 -23.65 -6.65 -15.47
CA GLU A 60 -25.08 -6.80 -15.15
C GLU A 60 -25.54 -5.89 -14.01
N PHE A 61 -24.60 -5.50 -13.17
CA PHE A 61 -24.90 -4.74 -11.97
C PHE A 61 -25.07 -3.23 -12.22
N ASP A 62 -24.88 -2.80 -13.46
CA ASP A 62 -25.18 -1.45 -13.86
C ASP A 62 -26.68 -1.22 -13.77
N THR A 63 -27.45 -2.22 -14.19
CA THR A 63 -28.90 -2.10 -14.31
C THR A 63 -29.64 -3.03 -13.34
N PHE A 64 -28.91 -4.00 -12.79
CA PHE A 64 -29.37 -4.81 -11.65
C PHE A 64 -28.89 -4.08 -10.41
N HIS A 65 -29.58 -2.97 -10.16
CA HIS A 65 -29.41 -2.11 -9.01
C HIS A 65 -30.81 -1.94 -8.46
N VAL A 66 -31.69 -1.50 -9.37
CA VAL A 66 -33.06 -1.12 -9.06
C VAL A 66 -34.09 -2.27 -9.21
N PRO A 67 -33.76 -3.33 -10.00
CA PRO A 67 -34.67 -4.48 -10.16
C PRO A 67 -34.83 -5.25 -8.85
N GLU A 68 -33.73 -5.41 -8.13
CA GLU A 68 -33.80 -6.09 -6.84
C GLU A 68 -33.29 -5.24 -5.67
N VAL A 69 -34.26 -4.63 -4.98
CA VAL A 69 -34.06 -3.93 -3.72
C VAL A 69 -35.21 -4.33 -2.80
N VAL A 70 -36.44 -4.19 -3.29
CA VAL A 70 -37.62 -4.75 -2.64
C VAL A 70 -38.00 -6.03 -3.39
N LYS A 71 -38.15 -7.13 -2.65
CA LYS A 71 -38.32 -8.46 -3.24
C LYS A 71 -39.79 -8.80 -3.52
N GLN A 72 -40.00 -9.49 -4.64
CA GLN A 72 -41.21 -10.31 -4.83
C GLN A 72 -40.70 -11.76 -4.78
N GLU A 73 -41.61 -12.73 -4.88
CA GLU A 73 -41.27 -14.11 -4.51
C GLU A 73 -39.88 -14.61 -4.94
N ASP A 74 -39.64 -14.68 -6.26
CA ASP A 74 -38.46 -15.38 -6.82
C ASP A 74 -37.17 -14.55 -6.87
N ALA A 75 -37.05 -13.57 -5.98
CA ALA A 75 -35.86 -12.71 -5.91
C ALA A 75 -34.58 -13.53 -5.74
N GLU A 76 -34.68 -14.63 -4.99
CA GLU A 76 -33.54 -15.56 -4.81
C GLU A 76 -33.00 -16.15 -6.13
N THR A 77 -33.92 -16.72 -6.91
CA THR A 77 -33.64 -17.20 -8.27
C THR A 77 -33.08 -16.12 -9.19
N GLN A 78 -33.63 -14.90 -9.11
CA GLN A 78 -33.15 -13.76 -9.88
C GLN A 78 -31.72 -13.40 -9.52
N LEU A 79 -31.40 -13.46 -8.23
CA LEU A 79 -30.03 -13.25 -7.79
C LEU A 79 -29.07 -14.27 -8.38
N HIS A 80 -29.42 -15.56 -8.30
CA HIS A 80 -28.59 -16.57 -8.96
C HIS A 80 -28.46 -16.36 -10.47
N LEU A 81 -29.54 -15.97 -11.12
CA LEU A 81 -29.48 -15.77 -12.59
C LEU A 81 -28.58 -14.60 -12.97
N VAL A 82 -28.59 -13.54 -12.16
CA VAL A 82 -27.73 -12.39 -12.47
C VAL A 82 -26.27 -12.79 -12.26
N TYR A 83 -26.02 -13.67 -11.30
CA TYR A 83 -24.66 -14.19 -11.05
C TYR A 83 -24.14 -14.92 -12.30
N VAL A 84 -24.99 -15.79 -12.83
CA VAL A 84 -24.66 -16.52 -14.06
C VAL A 84 -24.45 -15.56 -15.25
N ARG A 85 -25.36 -14.60 -15.45
CA ARG A 85 -25.20 -13.61 -16.51
C ARG A 85 -23.90 -12.83 -16.39
N GLU A 86 -23.53 -12.46 -15.18
CA GLU A 86 -22.28 -11.72 -14.94
C GLU A 86 -21.05 -12.58 -15.30
N ASN A 87 -21.07 -13.86 -14.90
CA ASN A 87 -20.03 -14.79 -15.36
C ASN A 87 -19.96 -14.82 -16.90
N VAL A 88 -21.13 -14.94 -17.53
CA VAL A 88 -21.21 -14.97 -19.02
C VAL A 88 -20.69 -13.65 -19.68
N ALA A 89 -21.00 -12.52 -19.06
CA ALA A 89 -20.53 -11.22 -19.55
C ALA A 89 -18.99 -11.19 -19.63
N ILE A 90 -18.34 -11.69 -18.59
CA ILE A 90 -16.87 -11.75 -18.49
C ILE A 90 -16.30 -12.75 -19.48
N LEU A 91 -16.90 -13.94 -19.51
CA LEU A 91 -16.53 -14.99 -20.46
C LEU A 91 -16.58 -14.49 -21.92
N ARG A 92 -17.70 -13.88 -22.33
CA ARG A 92 -17.82 -13.39 -23.71
C ARG A 92 -16.79 -12.30 -23.99
N ALA A 93 -16.57 -11.36 -23.04
CA ALA A 93 -15.64 -10.23 -23.29
C ALA A 93 -14.23 -10.75 -23.51
N ALA A 94 -13.80 -11.69 -22.67
CA ALA A 94 -12.45 -12.26 -22.74
C ALA A 94 -12.26 -13.03 -24.05
N GLU A 95 -13.25 -13.83 -24.43
CA GLU A 95 -13.16 -14.58 -25.71
C GLU A 95 -13.12 -13.68 -26.93
N GLU A 96 -13.98 -12.66 -26.94
CA GLU A 96 -14.02 -11.70 -28.04
C GLU A 96 -12.66 -10.97 -28.14
N ALA A 97 -12.13 -10.51 -27.01
CA ALA A 97 -10.88 -9.76 -26.98
C ALA A 97 -9.62 -10.56 -27.31
N LEU A 98 -9.53 -11.79 -26.84
CA LEU A 98 -8.34 -12.60 -27.10
C LEU A 98 -8.47 -13.37 -28.43
N GLY A 99 -9.70 -13.71 -28.82
CA GLY A 99 -9.92 -14.31 -30.15
C GLY A 99 -9.01 -15.51 -30.43
N ASP A 100 -8.25 -15.47 -31.52
CA ASP A 100 -7.43 -16.64 -31.87
C ASP A 100 -6.04 -16.65 -31.22
N ASN A 101 -5.85 -15.77 -30.24
CA ASN A 101 -4.58 -15.61 -29.52
C ASN A 101 -4.68 -15.71 -27.99
N PRO A 102 -5.03 -16.92 -27.49
CA PRO A 102 -5.28 -17.09 -26.04
C PRO A 102 -4.03 -16.86 -25.21
N PRO A 103 -4.23 -16.48 -23.92
CA PRO A 103 -3.11 -16.30 -23.01
C PRO A 103 -2.52 -17.66 -22.63
N ASP A 104 -1.40 -17.66 -21.92
CA ASP A 104 -0.76 -18.90 -21.41
C ASP A 104 -1.40 -19.42 -20.11
N LEU A 105 -2.06 -18.54 -19.38
CA LEU A 105 -2.60 -18.89 -18.05
C LEU A 105 -3.85 -18.03 -17.75
N VAL A 106 -4.91 -18.61 -17.18
CA VAL A 106 -6.13 -17.89 -16.78
C VAL A 106 -6.12 -17.79 -15.26
N VAL A 107 -6.15 -16.59 -14.73
CA VAL A 107 -6.19 -16.46 -13.27
C VAL A 107 -7.57 -15.85 -13.05
N TYR A 108 -8.44 -16.51 -12.29
CA TYR A 108 -9.79 -15.97 -12.08
C TYR A 108 -10.11 -15.86 -10.60
N ASP A 109 -10.84 -14.80 -10.27
CA ASP A 109 -11.40 -14.69 -8.92
C ASP A 109 -12.52 -15.68 -8.75
N VAL A 110 -12.75 -16.11 -7.52
CA VAL A 110 -13.80 -17.09 -7.23
C VAL A 110 -15.23 -16.68 -7.66
N PHE A 111 -15.55 -15.39 -7.60
CA PHE A 111 -16.91 -14.99 -8.03
C PHE A 111 -17.16 -15.34 -9.52
N PRO A 112 -16.29 -14.90 -10.45
CA PRO A 112 -16.40 -15.44 -11.82
C PRO A 112 -15.74 -16.81 -12.09
N PHE A 113 -15.95 -17.80 -11.22
CA PHE A 113 -15.22 -19.03 -11.42
C PHE A 113 -15.76 -19.77 -12.65
N ILE A 114 -17.06 -19.62 -12.97
CA ILE A 114 -17.59 -20.28 -14.14
C ILE A 114 -16.90 -19.73 -15.41
N ALA A 115 -16.83 -18.43 -15.51
CA ALA A 115 -16.09 -17.79 -16.64
C ALA A 115 -14.66 -18.26 -16.66
N GLY A 116 -14.01 -18.29 -15.51
CA GLY A 116 -12.58 -18.60 -15.54
C GLY A 116 -12.31 -20.00 -15.99
N ARG A 117 -13.05 -20.93 -15.43
CA ARG A 117 -12.86 -22.34 -15.75
C ARG A 117 -13.29 -22.69 -17.20
N LEU A 118 -14.35 -22.03 -17.69
CA LEU A 118 -14.76 -22.24 -19.09
C LEU A 118 -13.74 -21.68 -20.13
N LEU A 119 -13.15 -20.52 -19.82
CA LEU A 119 -12.08 -19.90 -20.65
C LEU A 119 -10.93 -20.86 -20.72
N ALA A 120 -10.56 -21.39 -19.55
CA ALA A 120 -9.47 -22.36 -19.44
C ALA A 120 -9.75 -23.65 -20.24
N ALA A 121 -10.98 -24.16 -20.17
CA ALA A 121 -11.35 -25.31 -20.98
C ALA A 121 -11.30 -25.02 -22.49
N ARG A 122 -11.94 -23.96 -22.93
CA ARG A 122 -12.02 -23.66 -24.36
C ARG A 122 -10.63 -23.33 -24.92
N TRP A 123 -9.87 -22.55 -24.17
CA TRP A 123 -8.53 -22.19 -24.62
C TRP A 123 -7.49 -23.32 -24.43
N ASP A 124 -7.85 -24.35 -23.66
CA ASP A 124 -6.97 -25.46 -23.29
C ASP A 124 -5.71 -24.94 -22.55
N ARG A 125 -5.96 -24.25 -21.44
CA ARG A 125 -4.91 -23.59 -20.66
C ARG A 125 -5.09 -23.92 -19.21
N PRO A 126 -4.00 -23.89 -18.42
CA PRO A 126 -4.10 -24.06 -16.97
C PRO A 126 -4.74 -22.83 -16.35
N ALA A 127 -5.31 -23.01 -15.16
CA ALA A 127 -5.96 -21.91 -14.48
C ALA A 127 -5.59 -21.89 -13.03
N VAL A 128 -5.63 -20.68 -12.44
CA VAL A 128 -5.38 -20.46 -11.03
C VAL A 128 -6.58 -19.74 -10.49
N ARG A 129 -7.09 -20.20 -9.34
CA ARG A 129 -8.18 -19.53 -8.68
C ARG A 129 -7.64 -18.53 -7.62
N LEU A 130 -8.31 -17.39 -7.52
CA LEU A 130 -8.05 -16.45 -6.43
C LEU A 130 -9.25 -16.27 -5.55
N THR A 131 -9.00 -16.09 -4.25
CA THR A 131 -10.11 -15.66 -3.38
C THR A 131 -9.63 -14.77 -2.25
N GLY A 132 -10.42 -13.72 -1.99
CA GLY A 132 -10.27 -12.84 -0.84
C GLY A 132 -11.10 -13.35 0.34
N GLY A 133 -11.82 -14.46 0.18
CA GLY A 133 -12.70 -15.03 1.28
C GLY A 133 -12.21 -16.43 1.61
N PHE A 134 -12.96 -17.19 2.41
CA PHE A 134 -12.56 -18.53 2.80
C PHE A 134 -12.50 -19.44 1.59
N ALA A 135 -11.44 -20.24 1.55
CA ALA A 135 -11.36 -21.37 0.65
C ALA A 135 -12.44 -22.48 0.91
N ALA A 136 -12.74 -23.26 -0.12
CA ALA A 136 -13.74 -24.32 -0.05
C ALA A 136 -13.09 -25.61 -0.46
N ASN A 137 -13.44 -26.66 0.25
CA ASN A 137 -13.11 -28.01 -0.18
C ASN A 137 -14.20 -28.95 0.32
N GLU A 138 -13.93 -30.25 0.32
CA GLU A 138 -14.99 -31.19 0.74
C GLU A 138 -15.39 -31.07 2.22
N HIS A 139 -14.56 -30.40 3.01
CA HIS A 139 -14.80 -30.24 4.43
C HIS A 139 -15.56 -28.99 4.81
N TYR A 140 -15.45 -27.98 3.97
CA TYR A 140 -15.93 -26.64 4.30
C TYR A 140 -16.20 -25.81 3.07
N SER A 141 -17.36 -25.15 3.09
CA SER A 141 -17.70 -24.24 2.03
C SER A 141 -18.55 -23.16 2.69
N LEU A 142 -18.04 -21.94 2.71
CA LEU A 142 -18.79 -20.84 3.33
C LEU A 142 -20.18 -20.70 2.65
N PHE A 143 -20.20 -20.75 1.33
CA PHE A 143 -21.46 -20.58 0.60
C PHE A 143 -22.51 -21.65 0.97
N LYS A 144 -22.08 -22.89 1.03
CA LYS A 144 -22.99 -23.94 1.45
C LYS A 144 -23.52 -23.63 2.86
N GLU A 145 -22.69 -23.07 3.74
CA GLU A 145 -23.16 -22.76 5.12
C GLU A 145 -24.16 -21.60 5.11
N LEU A 146 -23.94 -20.63 4.23
CA LEU A 146 -24.84 -19.50 4.11
C LEU A 146 -26.23 -19.89 3.57
N TRP A 147 -26.24 -20.59 2.43
CA TRP A 147 -27.47 -21.15 1.86
C TRP A 147 -28.19 -21.97 2.93
N LYS A 148 -27.43 -22.81 3.61
CA LYS A 148 -27.98 -23.66 4.65
C LYS A 148 -28.68 -22.83 5.76
N SER A 149 -27.98 -21.80 6.21
CA SER A 149 -28.45 -20.93 7.29
C SER A 149 -29.62 -20.07 6.82
N ASN A 150 -29.64 -19.72 5.53
CA ASN A 150 -30.80 -19.04 4.91
C ASN A 150 -31.99 -19.94 4.56
N GLY A 151 -31.82 -21.26 4.69
CA GLY A 151 -32.85 -22.23 4.24
C GLY A 151 -33.11 -22.20 2.74
N GLN A 152 -32.13 -21.76 1.94
CA GLN A 152 -32.32 -21.80 0.48
C GLN A 152 -31.59 -23.00 -0.18
N ARG A 153 -32.08 -23.41 -1.34
CA ARG A 153 -31.43 -24.47 -2.14
C ARG A 153 -30.12 -24.04 -2.77
N HIS A 154 -29.19 -24.99 -2.95
CA HIS A 154 -27.99 -24.76 -3.75
C HIS A 154 -28.51 -24.25 -5.11
N PRO A 155 -27.83 -23.21 -5.70
CA PRO A 155 -28.27 -22.76 -7.03
C PRO A 155 -28.37 -23.89 -8.05
N ALA A 156 -27.53 -24.91 -7.92
CA ALA A 156 -27.54 -26.03 -8.88
C ALA A 156 -28.80 -26.85 -8.74
N ASP A 157 -29.45 -26.72 -7.57
CA ASP A 157 -30.72 -27.42 -7.29
C ASP A 157 -31.97 -26.58 -7.60
N VAL A 158 -31.76 -25.39 -8.15
CA VAL A 158 -32.85 -24.56 -8.65
C VAL A 158 -33.00 -24.75 -10.17
N GLU A 159 -34.19 -25.20 -10.59
CA GLU A 159 -34.48 -25.54 -11.97
C GLU A 159 -34.06 -24.49 -13.03
N ALA A 160 -34.45 -23.23 -12.82
CA ALA A 160 -34.13 -22.11 -13.75
C ALA A 160 -32.62 -21.91 -13.95
N VAL A 161 -31.85 -22.13 -12.87
CA VAL A 161 -30.40 -21.96 -12.86
C VAL A 161 -29.71 -23.20 -13.46
N HIS A 162 -30.14 -24.37 -12.99
CA HIS A 162 -29.60 -25.65 -13.44
C HIS A 162 -29.71 -25.78 -14.97
N SER A 163 -30.86 -25.41 -15.54
CA SER A 163 -31.06 -25.60 -16.97
C SER A 163 -30.10 -24.71 -17.76
N VAL A 164 -29.92 -23.48 -17.28
CA VAL A 164 -29.02 -22.54 -17.95
C VAL A 164 -27.61 -23.09 -17.87
N LEU A 165 -27.24 -23.59 -16.70
CA LEU A 165 -25.89 -24.09 -16.50
C LEU A 165 -25.53 -25.37 -17.24
N VAL A 166 -26.47 -26.34 -17.28
CA VAL A 166 -26.23 -27.53 -18.06
C VAL A 166 -25.95 -27.15 -19.54
N ASP A 167 -26.76 -26.25 -20.07
CA ASP A 167 -26.66 -25.82 -21.47
C ASP A 167 -25.30 -25.16 -21.72
N LEU A 168 -24.93 -24.24 -20.83
CA LEU A 168 -23.67 -23.48 -20.96
C LEU A 168 -22.47 -24.42 -20.90
N LEU A 169 -22.40 -25.24 -19.84
CA LEU A 169 -21.32 -26.23 -19.72
C LEU A 169 -21.19 -27.13 -20.93
N GLY A 170 -22.33 -27.58 -21.45
CA GLY A 170 -22.34 -28.45 -22.62
C GLY A 170 -21.71 -27.78 -23.84
N LYS A 171 -21.90 -26.47 -23.97
CA LYS A 171 -21.27 -25.70 -25.05
C LYS A 171 -19.73 -25.68 -24.98
N TYR A 172 -19.17 -26.05 -23.83
CA TYR A 172 -17.73 -26.10 -23.60
C TYR A 172 -17.22 -27.55 -23.46
N GLY A 173 -18.09 -28.50 -23.82
CA GLY A 173 -17.77 -29.92 -23.84
C GLY A 173 -17.74 -30.49 -22.42
N VAL A 174 -18.40 -29.81 -21.47
CA VAL A 174 -18.49 -30.27 -20.06
C VAL A 174 -19.85 -30.94 -19.77
N ASP A 175 -19.85 -32.24 -19.48
CA ASP A 175 -21.08 -32.88 -19.06
C ASP A 175 -21.07 -33.29 -17.58
N THR A 176 -20.10 -32.81 -16.81
CA THR A 176 -20.03 -33.01 -15.38
C THR A 176 -21.34 -32.48 -14.79
N PRO A 177 -22.02 -33.25 -13.89
CA PRO A 177 -23.20 -32.73 -13.20
C PRO A 177 -22.91 -31.35 -12.58
N VAL A 178 -23.89 -30.47 -12.61
CA VAL A 178 -23.71 -29.05 -12.23
C VAL A 178 -23.22 -28.84 -10.81
N LYS A 179 -23.84 -29.52 -9.83
CA LYS A 179 -23.40 -29.39 -8.45
C LYS A 179 -21.95 -29.91 -8.25
N GLU A 180 -21.62 -31.07 -8.85
CA GLU A 180 -20.26 -31.60 -8.85
C GLU A 180 -19.23 -30.64 -9.43
N TYR A 181 -19.51 -30.13 -10.61
CA TYR A 181 -18.68 -29.12 -11.27
C TYR A 181 -18.42 -27.90 -10.37
N TRP A 182 -19.48 -27.39 -9.74
CA TRP A 182 -19.44 -26.19 -8.87
C TRP A 182 -18.41 -26.40 -7.79
N ASP A 183 -18.33 -27.64 -7.29
CA ASP A 183 -17.40 -28.01 -6.18
C ASP A 183 -16.00 -28.43 -6.56
N GLU A 184 -15.67 -28.52 -7.86
CA GLU A 184 -14.33 -28.98 -8.23
C GLU A 184 -13.25 -28.00 -7.78
N ILE A 185 -12.10 -28.54 -7.39
CA ILE A 185 -10.97 -27.76 -6.83
C ILE A 185 -9.97 -27.43 -7.93
N GLU A 186 -9.57 -26.17 -8.00
CA GLU A 186 -8.59 -25.70 -8.99
C GLU A 186 -7.19 -26.28 -8.77
N GLY A 187 -6.39 -26.37 -9.84
CA GLY A 187 -4.99 -26.88 -9.71
C GLY A 187 -4.16 -26.07 -8.71
N LEU A 188 -4.45 -24.76 -8.62
CA LEU A 188 -3.85 -23.84 -7.63
C LEU A 188 -4.89 -22.80 -7.20
N THR A 189 -4.98 -22.56 -5.89
CA THR A 189 -5.85 -21.54 -5.35
C THR A 189 -5.02 -20.66 -4.42
N ILE A 190 -5.01 -19.35 -4.71
CA ILE A 190 -4.33 -18.36 -3.93
C ILE A 190 -5.40 -17.71 -3.07
N VAL A 191 -5.24 -17.85 -1.76
CA VAL A 191 -6.22 -17.36 -0.82
C VAL A 191 -5.58 -16.20 -0.07
N PHE A 192 -6.21 -15.03 -0.10
CA PHE A 192 -5.59 -13.80 0.46
C PHE A 192 -5.87 -13.64 1.95
N LEU A 193 -5.69 -14.75 2.68
CA LEU A 193 -5.95 -14.81 4.12
C LEU A 193 -4.78 -15.54 4.75
N PRO A 194 -4.53 -15.26 6.02
CA PRO A 194 -3.58 -16.13 6.72
C PRO A 194 -4.24 -17.46 6.99
N LYS A 195 -3.45 -18.52 6.94
CA LYS A 195 -4.01 -19.84 7.08
C LYS A 195 -4.82 -20.02 8.38
N SER A 196 -4.37 -19.40 9.46
CA SER A 196 -5.05 -19.64 10.72
C SER A 196 -6.47 -19.08 10.73
N PHE A 197 -6.74 -18.14 9.83
CA PHE A 197 -8.07 -17.50 9.80
C PHE A 197 -9.03 -18.41 9.00
N GLN A 198 -8.50 -19.37 8.25
CA GLN A 198 -9.32 -20.30 7.47
C GLN A 198 -10.01 -21.42 8.32
N PRO A 199 -11.36 -21.51 8.24
CA PRO A 199 -12.05 -22.68 8.88
C PRO A 199 -11.55 -24.01 8.30
N PHE A 200 -11.33 -25.04 9.14
CA PHE A 200 -10.81 -26.36 8.68
C PHE A 200 -9.48 -26.29 7.89
N ALA A 201 -8.64 -25.31 8.24
CA ALA A 201 -7.38 -25.04 7.59
C ALA A 201 -6.52 -26.31 7.38
N GLU A 202 -6.48 -27.21 8.37
CA GLU A 202 -5.64 -28.44 8.32
C GLU A 202 -6.01 -29.39 7.18
N THR A 203 -7.23 -29.24 6.64
CA THR A 203 -7.76 -30.13 5.64
C THR A 203 -7.41 -29.66 4.23
N PHE A 204 -6.77 -28.49 4.11
CA PHE A 204 -6.48 -27.92 2.79
C PHE A 204 -5.12 -28.36 2.32
N ASP A 205 -5.08 -29.06 1.17
CA ASP A 205 -3.83 -29.60 0.68
C ASP A 205 -2.94 -28.55 -0.01
N GLU A 206 -1.84 -29.02 -0.60
CA GLU A 206 -0.84 -28.12 -1.15
C GLU A 206 -1.33 -27.31 -2.37
N ARG A 207 -2.48 -27.67 -2.95
CA ARG A 207 -3.12 -26.82 -4.00
C ARG A 207 -3.66 -25.48 -3.47
N PHE A 208 -3.67 -25.29 -2.16
CA PHE A 208 -4.15 -24.01 -1.59
C PHE A 208 -2.96 -23.27 -0.99
N ALA A 209 -2.67 -22.07 -1.50
CA ALA A 209 -1.66 -21.22 -0.85
C ALA A 209 -2.30 -20.07 -0.04
N PHE A 210 -2.10 -20.08 1.27
CA PHE A 210 -2.69 -18.98 2.15
C PHE A 210 -1.67 -17.84 2.25
N VAL A 211 -1.76 -16.89 1.34
CA VAL A 211 -0.72 -15.84 1.21
C VAL A 211 -0.97 -14.59 2.06
N GLY A 212 -2.12 -14.52 2.67
CA GLY A 212 -2.49 -13.35 3.48
C GLY A 212 -2.93 -12.09 2.68
N PRO A 213 -3.30 -10.99 3.39
CA PRO A 213 -3.74 -9.73 2.76
C PRO A 213 -2.55 -9.04 2.09
N THR A 214 -2.79 -8.18 1.10
CA THR A 214 -1.65 -7.46 0.52
C THR A 214 -1.47 -6.39 1.60
N LEU A 215 -0.25 -6.17 2.05
CA LEU A 215 -0.10 -5.40 3.27
C LEU A 215 -0.23 -3.90 3.00
N THR A 216 -0.15 -3.13 4.07
CA THR A 216 -0.60 -1.75 4.09
C THR A 216 0.62 -0.83 4.36
N GLY A 217 0.49 0.48 4.13
CA GLY A 217 1.61 1.37 4.45
C GLY A 217 2.07 2.32 3.36
N PRO A 222 3.44 11.20 4.21
CA PRO A 222 2.68 12.00 5.17
C PRO A 222 1.92 11.13 6.15
N GLY A 223 2.51 10.86 7.32
CA GLY A 223 1.89 9.97 8.30
C GLY A 223 1.18 10.67 9.44
N TRP A 224 -0.02 10.21 9.76
CA TRP A 224 -0.77 10.72 10.91
C TRP A 224 -0.06 10.32 12.22
N GLN A 225 -0.02 11.23 13.21
CA GLN A 225 0.53 10.95 14.54
C GLN A 225 -0.54 11.26 15.64
N PRO A 226 -0.51 10.52 16.77
CA PRO A 226 -1.48 10.76 17.84
C PRO A 226 -1.15 12.09 18.55
N PRO A 227 -2.12 12.68 19.29
CA PRO A 227 -1.91 13.96 19.97
C PRO A 227 -1.00 13.88 21.21
N ARG A 228 -0.88 12.72 21.85
CA ARG A 228 0.07 12.48 22.95
C ARG A 228 0.62 11.10 22.71
N PRO A 229 1.86 10.84 23.15
CA PRO A 229 2.52 9.55 22.92
C PRO A 229 1.70 8.32 23.33
N ASP A 230 1.06 8.42 24.49
CA ASP A 230 0.31 7.31 25.05
C ASP A 230 -1.21 7.57 25.01
N ALA A 231 -1.68 8.52 24.22
CA ALA A 231 -3.14 8.65 24.04
C ALA A 231 -3.75 7.32 23.58
N PRO A 232 -4.82 6.83 24.23
CA PRO A 232 -5.50 5.62 23.73
C PRO A 232 -6.24 6.01 22.46
N VAL A 233 -5.95 5.33 21.36
CA VAL A 233 -6.49 5.76 20.06
C VAL A 233 -7.51 4.69 19.61
N LEU A 234 -8.66 5.17 19.14
CA LEU A 234 -9.65 4.33 18.51
C LEU A 234 -9.80 4.70 17.06
N LEU A 235 -9.74 3.70 16.16
CA LEU A 235 -10.15 3.94 14.76
C LEU A 235 -11.56 3.42 14.58
N VAL A 236 -12.39 4.25 13.99
CA VAL A 236 -13.76 3.89 13.66
C VAL A 236 -13.94 3.97 12.13
N SER A 237 -14.40 2.88 11.53
CA SER A 237 -14.60 2.92 10.06
C SER A 237 -15.74 2.00 9.67
N LEU A 238 -16.61 2.42 8.76
CA LEU A 238 -17.67 1.52 8.26
C LEU A 238 -17.49 1.20 6.78
N GLY A 239 -16.32 1.53 6.26
CA GLY A 239 -16.02 1.42 4.83
C GLY A 239 -16.54 2.61 4.03
N ASN A 240 -16.49 2.46 2.72
CA ASN A 240 -16.94 3.51 1.82
C ASN A 240 -18.45 3.32 1.57
N GLN A 241 -19.23 3.67 2.59
CA GLN A 241 -20.65 3.35 2.66
C GLN A 241 -21.42 4.18 1.65
N PHE A 242 -22.12 3.51 0.74
CA PHE A 242 -23.06 4.17 -0.17
C PHE A 242 -24.20 4.81 0.62
N ASN A 243 -24.40 4.30 1.85
CA ASN A 243 -25.42 4.78 2.77
C ASN A 243 -24.89 5.74 3.83
N GLU A 244 -25.71 6.73 4.17
CA GLU A 244 -25.38 7.75 5.14
C GLU A 244 -25.71 7.21 6.53
N HIS A 245 -24.69 6.92 7.34
CA HIS A 245 -24.93 6.56 8.76
C HIS A 245 -24.36 7.64 9.71
N PRO A 246 -24.83 8.90 9.57
CA PRO A 246 -24.26 9.96 10.37
C PRO A 246 -24.52 9.80 11.88
N GLU A 247 -25.69 9.25 12.21
CA GLU A 247 -26.11 9.00 13.60
C GLU A 247 -25.11 8.11 14.34
N PHE A 248 -24.64 7.06 13.67
CA PHE A 248 -23.68 6.15 14.27
C PHE A 248 -22.39 6.92 14.60
N PHE A 249 -21.86 7.68 13.64
CA PHE A 249 -20.62 8.44 13.88
C PHE A 249 -20.81 9.47 15.01
N ARG A 250 -21.95 10.17 15.01
CA ARG A 250 -22.27 11.10 16.10
C ARG A 250 -22.31 10.39 17.47
N ALA A 251 -22.93 9.20 17.51
CA ALA A 251 -22.98 8.35 18.71
C ALA A 251 -21.60 7.95 19.19
N CYS A 252 -20.71 7.62 18.23
CA CYS A 252 -19.30 7.28 18.53
C CYS A 252 -18.58 8.47 19.12
N ALA A 253 -18.81 9.66 18.54
CA ALA A 253 -18.18 10.87 19.03
C ALA A 253 -18.66 11.15 20.44
N GLN A 254 -19.99 11.06 20.63
CA GLN A 254 -20.62 11.25 21.95
C GLN A 254 -20.03 10.28 23.00
N ALA A 255 -19.86 9.02 22.61
CA ALA A 255 -19.31 7.99 23.48
C ALA A 255 -17.96 8.35 24.13
N PHE A 256 -17.07 9.00 23.40
CA PHE A 256 -15.71 9.27 23.91
C PHE A 256 -15.41 10.75 24.26
N ALA A 257 -16.40 11.63 24.12
CA ALA A 257 -16.28 13.02 24.59
C ALA A 257 -15.92 13.05 26.10
N ASP A 258 -14.94 13.88 26.47
CA ASP A 258 -14.56 14.02 27.90
C ASP A 258 -14.11 12.67 28.48
N THR A 259 -13.37 11.90 27.67
CA THR A 259 -12.59 10.71 28.10
C THR A 259 -11.19 10.95 27.51
N PRO A 260 -10.14 10.24 27.98
CA PRO A 260 -8.82 10.49 27.41
C PRO A 260 -8.65 9.94 25.99
N TRP A 261 -9.63 9.25 25.46
CA TRP A 261 -9.46 8.66 24.14
C TRP A 261 -9.31 9.71 23.07
N HIS A 262 -8.59 9.35 22.00
CA HIS A 262 -8.59 10.13 20.77
C HIS A 262 -9.18 9.26 19.68
N VAL A 263 -10.24 9.77 19.05
CA VAL A 263 -11.03 8.93 18.10
C VAL A 263 -10.81 9.46 16.67
N VAL A 264 -10.44 8.56 15.77
CA VAL A 264 -10.36 8.90 14.34
C VAL A 264 -11.46 8.17 13.60
N ALA A 266 -13.22 7.40 10.04
CA ALA A 266 -13.15 7.41 8.56
C ALA A 266 -14.55 7.16 8.04
N ILE A 267 -15.13 8.15 7.39
CA ILE A 267 -16.54 8.13 7.05
C ILE A 267 -16.82 7.84 5.56
N GLY A 268 -15.76 7.70 4.76
CA GLY A 268 -15.90 7.32 3.35
C GLY A 268 -16.26 8.49 2.43
N GLY A 269 -16.35 8.21 1.14
CA GLY A 269 -16.36 9.26 0.16
C GLY A 269 -17.74 9.74 -0.18
N PHE A 270 -18.74 9.20 0.50
CA PHE A 270 -20.14 9.50 0.19
C PHE A 270 -20.83 10.31 1.29
N LEU A 271 -20.10 10.61 2.37
CA LEU A 271 -20.65 11.39 3.49
C LEU A 271 -19.83 12.65 3.73
N ASP A 272 -20.49 13.81 3.71
CA ASP A 272 -19.89 15.09 4.05
C ASP A 272 -19.67 15.14 5.57
N PRO A 273 -18.40 15.31 6.03
CA PRO A 273 -18.17 15.38 7.49
C PRO A 273 -18.88 16.56 8.18
N ALA A 274 -19.26 17.59 7.43
CA ALA A 274 -20.04 18.69 8.00
C ALA A 274 -21.40 18.22 8.51
N VAL A 275 -21.94 17.17 7.90
CA VAL A 275 -23.22 16.56 8.29
C VAL A 275 -23.26 16.13 9.77
N LEU A 276 -22.11 15.64 10.26
CA LEU A 276 -21.94 15.18 11.63
C LEU A 276 -22.15 16.29 12.64
N GLY A 277 -21.96 17.53 12.21
CA GLY A 277 -22.04 18.67 13.13
C GLY A 277 -20.77 18.81 13.97
N PRO A 278 -20.79 19.72 14.96
CA PRO A 278 -19.65 20.00 15.85
C PRO A 278 -19.20 18.71 16.55
N LEU A 279 -17.90 18.40 16.48
CA LEU A 279 -17.33 17.22 17.13
C LEU A 279 -16.56 17.62 18.41
N PRO A 280 -16.46 16.72 19.40
CA PRO A 280 -15.61 17.01 20.56
C PRO A 280 -14.15 17.19 20.10
N PRO A 281 -13.32 17.91 20.88
CA PRO A 281 -11.94 18.18 20.43
C PRO A 281 -11.03 16.93 20.30
N ASN A 282 -11.43 15.81 20.91
CA ASN A 282 -10.64 14.55 20.85
C ASN A 282 -11.22 13.58 19.83
N VAL A 283 -12.04 14.10 18.93
CA VAL A 283 -12.61 13.27 17.85
C VAL A 283 -12.41 13.98 16.50
N GLU A 284 -11.87 13.28 15.52
CA GLU A 284 -11.69 13.84 14.19
C GLU A 284 -12.35 12.95 13.15
N ALA A 285 -12.96 13.57 12.16
CA ALA A 285 -13.62 12.81 11.12
C ALA A 285 -13.07 13.17 9.74
N HIS A 286 -12.85 12.16 8.89
CA HIS A 286 -12.25 12.37 7.58
C HIS A 286 -12.97 11.44 6.63
N GLN A 287 -13.20 11.86 5.39
CA GLN A 287 -13.66 10.91 4.39
C GLN A 287 -12.65 9.79 4.18
N TRP A 288 -11.37 10.16 4.07
CA TRP A 288 -10.24 9.24 3.99
C TRP A 288 -9.18 9.56 5.05
N ILE A 289 -8.57 8.50 5.56
CA ILE A 289 -7.45 8.62 6.49
C ILE A 289 -6.46 7.51 6.12
N PRO A 290 -5.14 7.66 6.44
CA PRO A 290 -4.36 6.46 6.13
C PRO A 290 -4.53 5.44 7.24
N PHE A 291 -5.23 4.32 6.97
CA PHE A 291 -5.57 3.37 8.03
C PHE A 291 -4.34 2.85 8.76
N HIS A 292 -3.28 2.52 8.03
N HIS A 292 -3.28 2.52 8.02
CA HIS A 292 -2.09 1.94 8.67
CA HIS A 292 -2.09 1.93 8.63
C HIS A 292 -1.46 2.85 9.73
C HIS A 292 -1.43 2.84 9.69
N SER A 293 -1.38 4.15 9.42
CA SER A 293 -0.75 5.12 10.34
C SER A 293 -1.58 5.19 11.61
N VAL A 294 -2.89 5.18 11.45
CA VAL A 294 -3.76 5.25 12.65
C VAL A 294 -3.69 3.92 13.40
N LEU A 295 -3.84 2.81 12.68
CA LEU A 295 -3.83 1.46 13.33
C LEU A 295 -2.53 1.21 14.05
N ALA A 296 -1.42 1.73 13.53
CA ALA A 296 -0.14 1.52 14.23
C ALA A 296 -0.14 2.07 15.66
N HIS A 297 -1.02 3.01 15.98
CA HIS A 297 -1.10 3.62 17.31
C HIS A 297 -2.37 3.18 18.04
N ALA A 298 -3.29 2.52 17.34
CA ALA A 298 -4.61 2.23 17.90
C ALA A 298 -4.62 1.15 19.00
N ARG A 299 -5.51 1.30 19.98
CA ARG A 299 -5.72 0.26 21.00
C ARG A 299 -6.86 -0.66 20.58
N ALA A 300 -7.70 -0.17 19.67
CA ALA A 300 -8.83 -0.92 19.19
C ALA A 300 -9.30 -0.29 17.90
N CYS A 301 -10.11 -1.07 17.20
CA CYS A 301 -10.77 -0.59 15.97
C CYS A 301 -12.23 -0.99 16.01
N LEU A 302 -13.13 -0.04 15.72
CA LEU A 302 -14.52 -0.31 15.67
C LEU A 302 -14.91 -0.28 14.20
N THR A 303 -15.38 -1.40 13.69
CA THR A 303 -15.49 -1.57 12.23
C THR A 303 -16.64 -2.47 11.86
N HIS A 304 -17.03 -2.44 10.58
CA HIS A 304 -18.10 -3.29 10.04
C HIS A 304 -17.71 -4.80 9.92
N GLY A 305 -16.44 -5.09 9.72
CA GLY A 305 -16.03 -6.49 9.82
C GLY A 305 -15.90 -7.24 8.50
N THR A 306 -15.81 -6.51 7.38
CA THR A 306 -15.45 -7.12 6.10
C THR A 306 -14.04 -7.75 6.23
N THR A 307 -13.80 -8.85 5.52
CA THR A 307 -12.51 -9.56 5.63
C THR A 307 -11.33 -8.62 5.43
N GLY A 308 -11.44 -7.73 4.47
CA GLY A 308 -10.41 -6.71 4.21
C GLY A 308 -10.05 -5.87 5.43
N ALA A 309 -11.07 -5.26 6.03
CA ALA A 309 -10.87 -4.36 7.16
C ALA A 309 -10.34 -5.11 8.39
N VAL A 310 -10.83 -6.33 8.59
CA VAL A 310 -10.43 -7.17 9.71
C VAL A 310 -8.95 -7.46 9.67
N LEU A 311 -8.49 -7.94 8.52
CA LEU A 311 -7.08 -8.37 8.36
C LEU A 311 -6.12 -7.16 8.42
N GLU A 312 -6.59 -6.00 7.96
CA GLU A 312 -5.83 -4.75 8.14
C GLU A 312 -5.59 -4.45 9.63
N ALA A 313 -6.64 -4.51 10.45
CA ALA A 313 -6.55 -4.36 11.92
C ALA A 313 -5.61 -5.42 12.51
N PHE A 314 -5.82 -6.69 12.13
CA PHE A 314 -4.93 -7.69 12.72
C PHE A 314 -3.46 -7.57 12.27
N ALA A 315 -3.19 -7.14 11.01
CA ALA A 315 -1.80 -6.89 10.53
C ALA A 315 -1.06 -5.94 11.51
N ALA A 316 -1.82 -5.04 12.13
CA ALA A 316 -1.23 -4.11 13.08
C ALA A 316 -1.36 -4.56 14.56
N GLY A 317 -1.89 -5.76 14.77
CA GLY A 317 -2.16 -6.30 16.13
C GLY A 317 -3.21 -5.52 16.90
N VAL A 318 -4.23 -5.00 16.24
CA VAL A 318 -5.30 -4.23 16.89
C VAL A 318 -6.55 -5.07 17.01
N PRO A 319 -7.06 -5.23 18.24
CA PRO A 319 -8.30 -5.98 18.43
C PRO A 319 -9.55 -5.21 17.96
N LEU A 320 -10.62 -5.93 17.62
CA LEU A 320 -11.78 -5.28 16.94
C LEU A 320 -13.05 -5.29 17.81
N VAL A 321 -13.84 -4.23 17.69
CA VAL A 321 -15.24 -4.30 18.05
C VAL A 321 -16.00 -4.18 16.71
N LEU A 322 -16.86 -5.17 16.46
CA LEU A 322 -17.55 -5.32 15.19
C LEU A 322 -18.99 -4.83 15.25
N VAL A 323 -19.41 -4.15 14.19
CA VAL A 323 -20.82 -3.79 14.00
C VAL A 323 -21.23 -4.30 12.59
N PRO A 324 -21.40 -5.64 12.46
CA PRO A 324 -21.60 -6.31 11.16
C PRO A 324 -22.89 -5.98 10.45
N HIS A 325 -23.91 -5.50 11.16
CA HIS A 325 -25.18 -5.19 10.50
C HIS A 325 -25.04 -4.06 9.45
N PHE A 326 -23.93 -3.33 9.51
CA PHE A 326 -23.71 -2.23 8.56
C PHE A 326 -23.28 -2.73 7.18
N ALA A 327 -22.68 -3.92 7.13
CA ALA A 327 -22.25 -4.54 5.88
C ALA A 327 -22.79 -5.96 5.80
N THR A 328 -23.74 -6.22 4.89
CA THR A 328 -24.20 -7.60 4.66
C THR A 328 -23.05 -8.57 4.32
N GLU A 329 -22.05 -8.07 3.60
CA GLU A 329 -20.85 -8.85 3.25
C GLU A 329 -20.00 -9.27 4.46
N ALA A 330 -20.22 -8.62 5.60
CA ALA A 330 -19.36 -8.82 6.77
C ALA A 330 -19.68 -10.03 7.67
N ALA A 331 -20.82 -10.69 7.46
CA ALA A 331 -21.25 -11.75 8.40
C ALA A 331 -20.22 -12.93 8.56
N PRO A 332 -19.79 -13.57 7.45
CA PRO A 332 -18.79 -14.67 7.56
C PRO A 332 -17.49 -14.26 8.28
N SER A 333 -16.87 -13.15 7.86
CA SER A 333 -15.64 -12.68 8.54
C SER A 333 -15.91 -12.30 9.97
N ALA A 334 -16.98 -11.53 10.20
CA ALA A 334 -17.36 -11.19 11.55
C ALA A 334 -17.56 -12.43 12.43
N GLU A 335 -18.28 -13.43 11.93
CA GLU A 335 -18.49 -14.61 12.78
C GLU A 335 -17.17 -15.30 13.07
N ARG A 336 -16.27 -15.34 12.08
CA ARG A 336 -14.94 -15.94 12.29
C ARG A 336 -14.13 -15.20 13.37
N VAL A 337 -14.13 -13.87 13.34
CA VAL A 337 -13.47 -13.07 14.37
C VAL A 337 -14.00 -13.40 15.77
N ILE A 338 -15.31 -13.48 15.93
CA ILE A 338 -15.91 -13.85 17.23
C ILE A 338 -15.55 -15.29 17.62
N GLU A 339 -15.67 -16.21 16.66
CA GLU A 339 -15.30 -17.62 16.87
C GLU A 339 -13.87 -17.81 17.38
N LEU A 340 -12.96 -17.03 16.84
CA LEU A 340 -11.57 -17.09 17.22
C LEU A 340 -11.21 -16.23 18.45
N GLY A 341 -12.17 -15.46 18.94
CA GLY A 341 -11.87 -14.57 20.10
C GLY A 341 -10.94 -13.44 19.79
N LEU A 342 -11.04 -12.87 18.57
CA LEU A 342 -10.15 -11.80 18.12
C LEU A 342 -10.85 -10.44 18.17
N GLY A 343 -12.10 -10.46 18.62
CA GLY A 343 -12.92 -9.25 18.70
C GLY A 343 -14.28 -9.56 19.36
N SER A 344 -14.98 -8.51 19.72
CA SER A 344 -16.35 -8.60 20.18
C SER A 344 -17.30 -7.99 19.12
N VAL A 345 -18.58 -8.13 19.36
CA VAL A 345 -19.59 -7.67 18.43
C VAL A 345 -20.64 -6.84 19.18
N LEU A 346 -21.06 -5.73 18.59
CA LEU A 346 -22.21 -4.98 19.10
C LEU A 346 -23.40 -5.19 18.16
N ARG A 347 -24.57 -5.37 18.74
CA ARG A 347 -25.81 -5.42 17.93
C ARG A 347 -26.43 -4.04 17.73
N PRO A 348 -27.36 -3.92 16.76
CA PRO A 348 -28.11 -2.69 16.54
C PRO A 348 -28.70 -2.08 17.81
N ASP A 349 -29.23 -2.90 18.74
CA ASP A 349 -29.76 -2.32 19.98
C ASP A 349 -28.69 -1.92 21.00
N GLN A 350 -27.43 -2.15 20.67
CA GLN A 350 -26.35 -1.94 21.63
C GLN A 350 -25.48 -0.74 21.26
N LEU A 351 -26.06 0.23 20.56
CA LEU A 351 -25.30 1.35 19.96
C LEU A 351 -25.52 2.73 20.58
N GLU A 352 -26.08 2.79 21.79
CA GLU A 352 -26.12 4.04 22.56
C GLU A 352 -24.68 4.44 22.88
N PRO A 353 -24.37 5.76 22.94
CA PRO A 353 -22.96 6.15 23.23
C PRO A 353 -22.27 5.42 24.42
N ALA A 354 -22.98 5.25 25.54
CA ALA A 354 -22.38 4.57 26.70
C ALA A 354 -22.11 3.10 26.40
N SER A 355 -23.02 2.47 25.67
CA SER A 355 -22.79 1.11 25.25
C SER A 355 -21.54 0.97 24.38
N ILE A 356 -21.35 1.91 23.47
CA ILE A 356 -20.17 1.90 22.59
C ILE A 356 -18.88 2.07 23.38
N ARG A 357 -18.83 3.08 24.25
CA ARG A 357 -17.61 3.33 25.05
C ARG A 357 -17.25 2.13 25.93
N GLU A 358 -18.24 1.58 26.65
CA GLU A 358 -17.97 0.44 27.54
C GLU A 358 -17.52 -0.81 26.77
N ALA A 359 -18.16 -1.07 25.64
CA ALA A 359 -17.75 -2.20 24.80
C ALA A 359 -16.30 -2.08 24.31
N VAL A 360 -15.92 -0.89 23.88
CA VAL A 360 -14.57 -0.67 23.37
C VAL A 360 -13.58 -0.77 24.54
N GLU A 361 -13.95 -0.21 25.70
CA GLU A 361 -13.01 -0.22 26.80
C GLU A 361 -12.75 -1.65 27.27
N ARG A 362 -13.82 -2.43 27.35
CA ARG A 362 -13.73 -3.82 27.80
C ARG A 362 -12.84 -4.62 26.83
N LEU A 363 -13.09 -4.44 25.54
CA LEU A 363 -12.34 -5.19 24.49
C LEU A 363 -10.85 -4.79 24.53
N ALA A 364 -10.60 -3.47 24.62
CA ALA A 364 -9.23 -2.97 24.60
C ALA A 364 -8.48 -3.42 25.83
N ALA A 365 -9.16 -3.66 26.97
CA ALA A 365 -8.48 -4.12 28.19
C ALA A 365 -8.35 -5.63 28.25
N ASP A 366 -8.95 -6.37 27.32
CA ASP A 366 -8.99 -7.84 27.41
C ASP A 366 -7.64 -8.43 26.97
N SER A 367 -6.86 -8.90 27.94
CA SER A 367 -5.50 -9.41 27.66
C SER A 367 -5.48 -10.66 26.79
N ALA A 368 -6.48 -11.53 26.97
CA ALA A 368 -6.60 -12.79 26.23
C ALA A 368 -6.86 -12.54 24.73
N VAL A 369 -7.75 -11.60 24.45
CA VAL A 369 -7.99 -11.12 23.09
C VAL A 369 -6.70 -10.53 22.48
N ARG A 370 -6.07 -9.64 23.25
N ARG A 370 -6.03 -9.62 23.20
CA ARG A 370 -4.82 -8.98 22.94
CA ARG A 370 -4.83 -8.97 22.66
C ARG A 370 -3.80 -9.97 22.43
C ARG A 370 -3.74 -10.01 22.37
N GLU A 371 -3.56 -11.01 23.23
CA GLU A 371 -2.64 -12.10 22.91
C GLU A 371 -3.01 -12.94 21.66
N ARG A 372 -4.29 -13.28 21.51
CA ARG A 372 -4.74 -14.01 20.31
C ARG A 372 -4.57 -13.13 19.06
N VAL A 373 -4.83 -11.83 19.20
CA VAL A 373 -4.64 -10.90 18.08
C VAL A 373 -3.12 -10.78 17.71
N ARG A 374 -2.28 -10.75 18.71
CA ARG A 374 -0.83 -10.69 18.44
C ARG A 374 -0.33 -11.97 17.70
N ARG A 375 -0.87 -13.13 18.06
CA ARG A 375 -0.59 -14.38 17.31
C ARG A 375 -1.10 -14.28 15.89
N GLN A 377 -1.48 -11.46 14.16
CA GLN A 377 -0.56 -10.53 13.52
C GLN A 377 0.69 -11.24 12.97
N ARG A 378 1.25 -12.11 13.78
CA ARG A 378 2.44 -12.88 13.36
C ARG A 378 2.10 -13.81 12.18
N ASP A 379 0.93 -14.48 12.24
N ASP A 379 0.93 -14.49 12.19
CA ASP A 379 0.46 -15.32 11.12
CA ASP A 379 0.51 -15.36 11.04
C ASP A 379 0.41 -14.51 9.83
C ASP A 379 0.27 -14.57 9.77
N ILE A 380 -0.23 -13.35 9.89
CA ILE A 380 -0.37 -12.48 8.72
C ILE A 380 0.99 -12.03 8.20
N LEU A 381 1.86 -11.61 9.11
CA LEU A 381 3.18 -11.15 8.72
C LEU A 381 3.96 -12.28 8.04
N SER A 382 3.78 -13.49 8.49
CA SER A 382 4.51 -14.62 7.91
C SER A 382 3.82 -15.26 6.69
N SER A 383 2.69 -14.72 6.22
CA SER A 383 1.88 -15.41 5.20
C SER A 383 2.49 -15.37 3.79
N GLY A 384 3.30 -14.35 3.51
CA GLY A 384 4.14 -14.30 2.28
C GLY A 384 3.75 -13.21 1.28
N GLY A 385 2.46 -12.95 1.16
CA GLY A 385 2.03 -11.76 0.42
C GLY A 385 2.20 -11.95 -1.06
N PRO A 386 2.16 -10.83 -1.82
CA PRO A 386 2.23 -10.94 -3.28
C PRO A 386 3.50 -11.60 -3.80
N ALA A 387 4.64 -11.45 -3.11
CA ALA A 387 5.86 -12.10 -3.63
C ALA A 387 5.72 -13.63 -3.62
N ARG A 388 5.12 -14.14 -2.56
CA ARG A 388 4.86 -15.54 -2.45
C ARG A 388 3.81 -15.98 -3.44
N ALA A 389 2.78 -15.16 -3.58
CA ALA A 389 1.70 -15.48 -4.53
C ALA A 389 2.25 -15.61 -5.97
N ALA A 390 3.15 -14.71 -6.35
CA ALA A 390 3.84 -14.74 -7.68
C ALA A 390 4.76 -15.96 -7.80
N ASP A 391 5.46 -16.30 -6.72
CA ASP A 391 6.30 -17.51 -6.68
C ASP A 391 5.44 -18.77 -6.96
N GLU A 392 4.27 -18.83 -6.35
CA GLU A 392 3.39 -20.01 -6.44
C GLU A 392 2.87 -20.07 -7.87
N VAL A 393 2.48 -18.92 -8.41
CA VAL A 393 1.97 -18.93 -9.78
C VAL A 393 3.09 -19.33 -10.75
N GLU A 394 4.28 -18.74 -10.60
CA GLU A 394 5.38 -19.12 -11.51
C GLU A 394 5.80 -20.60 -11.40
N ALA A 395 5.82 -21.13 -10.18
CA ALA A 395 6.10 -22.55 -9.92
C ALA A 395 5.03 -23.49 -10.55
N TYR A 396 3.76 -23.10 -10.44
CA TYR A 396 2.65 -23.86 -11.01
C TYR A 396 2.83 -23.93 -12.51
N LEU A 397 3.14 -22.80 -13.12
CA LEU A 397 3.46 -22.77 -14.57
C LEU A 397 4.61 -23.69 -14.95
N GLY A 398 5.68 -23.66 -14.15
CA GLY A 398 6.80 -24.55 -14.32
C GLY A 398 6.37 -26.00 -14.33
N ARG A 399 5.42 -26.38 -13.48
CA ARG A 399 4.94 -27.77 -13.45
C ARG A 399 4.01 -28.11 -14.61
N VAL A 400 3.01 -27.26 -14.84
CA VAL A 400 1.89 -27.67 -15.69
C VAL A 400 1.93 -27.09 -17.11
N ALA A 401 2.72 -26.04 -17.31
CA ALA A 401 2.86 -25.48 -18.65
C ALA A 401 4.17 -24.72 -18.73
N PRO A 402 5.32 -25.44 -18.71
CA PRO A 402 6.57 -24.71 -18.59
C PRO A 402 6.94 -23.99 -19.88
N ARG B 3 17.71 -20.30 6.16
CA ARG B 3 18.35 -19.67 7.33
C ARG B 3 17.53 -18.45 7.81
N GLN B 4 17.39 -18.29 9.13
CA GLN B 4 16.87 -17.04 9.69
C GLN B 4 18.09 -16.16 9.92
N ARG B 5 18.04 -14.91 9.44
CA ARG B 5 19.10 -13.96 9.71
C ARG B 5 18.60 -12.87 10.63
N HIS B 6 19.44 -12.49 11.59
CA HIS B 6 19.17 -11.33 12.44
C HIS B 6 19.74 -10.07 11.76
N ILE B 7 18.84 -9.15 11.39
CA ILE B 7 19.19 -8.04 10.53
C ILE B 7 18.96 -6.75 11.32
N LEU B 8 20.02 -5.98 11.51
CA LEU B 8 19.86 -4.67 12.14
C LEU B 8 19.78 -3.49 11.14
N PHE B 9 18.66 -2.75 11.22
CA PHE B 9 18.45 -1.48 10.52
C PHE B 9 18.93 -0.28 11.36
N ALA B 10 19.88 0.45 10.79
CA ALA B 10 20.32 1.73 11.40
C ALA B 10 19.73 2.82 10.54
N ASN B 11 18.85 3.63 11.15
CA ASN B 11 18.16 4.71 10.46
C ASN B 11 17.92 5.90 11.35
N VAL B 12 17.95 7.07 10.72
CA VAL B 12 17.67 8.32 11.37
C VAL B 12 16.13 8.48 11.38
N GLN B 13 15.61 9.28 12.30
CA GLN B 13 14.16 9.58 12.28
C GLN B 13 13.81 10.48 11.10
N GLY B 14 12.53 10.57 10.77
CA GLY B 14 12.08 11.39 9.64
C GLY B 14 11.32 10.56 8.60
N HIS B 15 10.24 11.14 8.09
CA HIS B 15 9.36 10.42 7.17
C HIS B 15 10.16 9.95 5.95
N GLY B 16 10.93 10.87 5.35
CA GLY B 16 11.74 10.62 4.14
C GLY B 16 12.82 9.54 4.26
N HIS B 17 13.26 9.24 5.48
CA HIS B 17 14.30 8.23 5.66
C HIS B 17 13.68 6.92 6.06
N VAL B 18 12.61 6.97 6.88
CA VAL B 18 11.98 5.73 7.37
C VAL B 18 11.15 5.04 6.28
N TYR B 19 10.25 5.82 5.66
CA TYR B 19 9.20 5.25 4.80
C TYR B 19 9.72 4.33 3.67
N PRO B 20 10.69 4.82 2.85
CA PRO B 20 11.25 3.96 1.77
C PRO B 20 11.83 2.65 2.27
N SER B 21 12.22 2.58 3.53
CA SER B 21 12.91 1.38 4.06
C SER B 21 11.90 0.31 4.46
N LEU B 22 10.69 0.78 4.80
CA LEU B 22 9.77 -0.11 5.53
C LEU B 22 9.25 -1.30 4.73
N GLY B 23 9.15 -1.14 3.39
CA GLY B 23 8.73 -2.23 2.48
C GLY B 23 9.73 -3.38 2.54
N LEU B 24 11.02 -3.03 2.62
CA LEU B 24 12.08 -4.00 2.73
C LEU B 24 11.97 -4.66 4.11
N VAL B 25 11.75 -3.85 5.14
CA VAL B 25 11.72 -4.41 6.52
C VAL B 25 10.60 -5.47 6.53
N SER B 26 9.42 -5.10 6.01
CA SER B 26 8.29 -6.04 6.02
C SER B 26 8.60 -7.30 5.21
N GLU B 27 9.18 -7.14 4.03
CA GLU B 27 9.44 -8.30 3.15
C GLU B 27 10.51 -9.24 3.78
N LEU B 28 11.43 -8.64 4.51
CA LEU B 28 12.40 -9.52 5.20
C LEU B 28 11.80 -10.24 6.42
N ALA B 29 10.89 -9.52 7.12
CA ALA B 29 10.18 -10.14 8.25
C ALA B 29 9.17 -11.23 7.76
N ARG B 30 8.60 -11.00 6.59
CA ARG B 30 7.75 -11.97 5.91
C ARG B 30 8.49 -13.26 5.70
N ARG B 31 9.78 -13.12 5.39
CA ARG B 31 10.67 -14.22 5.03
C ARG B 31 11.28 -14.92 6.25
N GLY B 32 10.87 -14.55 7.47
CA GLY B 32 11.30 -15.32 8.64
C GLY B 32 12.52 -14.74 9.29
N HIS B 33 12.99 -13.60 8.79
CA HIS B 33 14.13 -12.94 9.42
C HIS B 33 13.80 -12.02 10.59
N ARG B 34 14.71 -12.03 11.54
CA ARG B 34 14.56 -11.24 12.73
C ARG B 34 15.09 -9.80 12.45
N ILE B 35 14.14 -8.86 12.46
CA ILE B 35 14.48 -7.48 12.20
C ILE B 35 14.44 -6.73 13.53
N THR B 36 15.58 -6.09 13.81
CA THR B 36 15.75 -5.05 14.79
C THR B 36 15.99 -3.75 14.03
N TYR B 37 15.41 -2.66 14.55
CA TYR B 37 15.40 -1.38 13.84
C TYR B 37 15.61 -0.21 14.82
N VAL B 38 16.58 0.64 14.54
CA VAL B 38 16.91 1.72 15.49
C VAL B 38 16.17 2.97 15.04
N THR B 39 15.40 3.57 15.95
CA THR B 39 14.57 4.73 15.58
C THR B 39 14.20 5.48 16.84
N THR B 40 13.39 6.54 16.72
CA THR B 40 12.94 7.31 17.91
C THR B 40 11.49 6.93 18.26
N PRO B 41 11.03 7.27 19.48
CA PRO B 41 9.61 6.94 19.81
C PRO B 41 8.59 7.45 18.73
N LEU B 42 8.89 8.57 18.06
CA LEU B 42 8.00 9.11 17.00
C LEU B 42 7.67 8.10 15.90
N PHE B 43 8.63 7.25 15.56
CA PHE B 43 8.46 6.26 14.46
C PHE B 43 8.45 4.81 14.94
N ALA B 44 8.64 4.63 16.25
CA ALA B 44 8.57 3.32 16.91
C ALA B 44 7.33 2.50 16.55
N ASP B 45 6.15 3.08 16.65
CA ASP B 45 4.90 2.31 16.43
C ASP B 45 4.80 1.87 14.97
N GLU B 46 5.17 2.78 14.07
CA GLU B 46 5.19 2.51 12.63
C GLU B 46 6.16 1.39 12.26
N VAL B 47 7.33 1.40 12.90
CA VAL B 47 8.36 0.41 12.59
C VAL B 47 8.00 -1.02 13.09
N LYS B 48 7.38 -1.06 14.28
CA LYS B 48 6.84 -2.26 14.87
C LYS B 48 5.69 -2.85 14.02
N ALA B 49 4.74 -2.00 13.60
CA ALA B 49 3.67 -2.44 12.70
C ALA B 49 4.24 -3.08 11.44
N ALA B 50 5.43 -2.61 11.00
CA ALA B 50 6.05 -3.15 9.78
C ALA B 50 6.70 -4.51 10.04
N GLY B 51 6.73 -4.96 11.31
CA GLY B 51 7.22 -6.28 11.69
C GLY B 51 8.56 -6.32 12.42
N ALA B 52 9.10 -5.16 12.76
CA ALA B 52 10.42 -5.09 13.37
C ALA B 52 10.38 -4.85 14.88
N GLU B 53 11.40 -5.35 15.59
CA GLU B 53 11.66 -4.97 17.00
C GLU B 53 12.46 -3.68 17.00
N VAL B 54 12.10 -2.78 17.93
CA VAL B 54 12.65 -1.43 17.96
C VAL B 54 13.69 -1.22 19.07
N VAL B 55 14.79 -0.56 18.71
CA VAL B 55 15.76 -0.03 19.67
C VAL B 55 15.62 1.49 19.64
N LEU B 56 15.26 2.08 20.76
CA LEU B 56 15.03 3.50 20.78
C LEU B 56 16.35 4.25 20.89
N TYR B 57 16.50 5.31 20.11
CA TYR B 57 17.59 6.28 20.35
C TYR B 57 17.03 7.70 20.52
N LYS B 58 17.81 8.59 21.14
CA LYS B 58 17.33 9.96 21.34
C LYS B 58 17.97 10.87 20.30
N SER B 59 17.12 11.55 19.54
CA SER B 59 17.60 12.35 18.43
C SER B 59 18.10 13.75 18.85
N GLU B 60 19.16 14.20 18.18
CA GLU B 60 19.71 15.54 18.40
C GLU B 60 18.78 16.63 17.89
N PHE B 61 17.86 16.26 17.00
CA PHE B 61 16.99 17.24 16.35
C PHE B 61 15.78 17.63 17.19
N ASP B 62 15.63 16.99 18.36
CA ASP B 62 14.66 17.41 19.37
C ASP B 62 15.04 18.80 19.92
N ASP B 74 29.77 29.72 10.76
CA ASP B 74 29.91 28.44 11.50
C ASP B 74 28.63 27.62 11.50
N ALA B 75 27.58 28.16 10.88
CA ALA B 75 26.28 27.46 10.79
C ALA B 75 26.40 26.07 10.15
N GLU B 76 27.27 25.95 9.14
CA GLU B 76 27.45 24.66 8.45
C GLU B 76 28.32 23.68 9.25
N THR B 77 29.32 24.17 10.00
CA THR B 77 30.09 23.28 10.87
C THR B 77 29.18 22.68 11.95
N GLN B 78 28.27 23.52 12.47
CA GLN B 78 27.22 23.07 13.38
C GLN B 78 26.22 22.09 12.74
N LEU B 79 25.87 22.31 11.46
CA LEU B 79 25.04 21.31 10.76
C LEU B 79 25.84 20.03 10.60
N HIS B 80 27.12 20.17 10.24
CA HIS B 80 28.02 19.02 10.14
C HIS B 80 28.17 18.30 11.47
N LEU B 81 28.37 19.03 12.57
CA LEU B 81 28.72 18.40 13.85
C LEU B 81 27.55 17.62 14.45
N VAL B 82 26.35 18.23 14.43
CA VAL B 82 25.11 17.56 14.87
C VAL B 82 24.81 16.30 14.07
N TYR B 83 25.16 16.36 12.78
CA TYR B 83 25.04 15.20 11.88
C TYR B 83 25.90 14.05 12.42
N VAL B 84 27.11 14.40 12.83
CA VAL B 84 28.01 13.47 13.46
C VAL B 84 27.43 12.97 14.80
N ARG B 85 27.03 13.90 15.69
CA ARG B 85 26.35 13.51 16.96
C ARG B 85 25.12 12.60 16.83
N GLU B 86 24.32 12.81 15.77
CA GLU B 86 23.16 11.96 15.45
C GLU B 86 23.57 10.51 15.08
N ASN B 87 24.62 10.40 14.26
CA ASN B 87 25.28 9.13 14.00
C ASN B 87 25.80 8.49 15.27
N VAL B 88 26.48 9.28 16.11
CA VAL B 88 26.95 8.80 17.42
C VAL B 88 25.77 8.28 18.29
N ALA B 89 24.68 9.08 18.37
CA ALA B 89 23.47 8.70 19.12
C ALA B 89 22.91 7.33 18.69
N ILE B 90 22.80 7.12 17.37
CA ILE B 90 22.27 5.84 16.81
C ILE B 90 23.29 4.70 17.04
N LEU B 91 24.56 5.00 16.77
CA LEU B 91 25.68 4.08 17.01
C LEU B 91 25.67 3.49 18.42
N ARG B 92 25.57 4.39 19.40
CA ARG B 92 25.61 4.00 20.82
C ARG B 92 24.31 3.29 21.26
N ALA B 93 23.17 3.70 20.68
CA ALA B 93 21.89 3.00 20.90
C ALA B 93 21.96 1.50 20.51
N ALA B 94 22.47 1.24 19.30
CA ALA B 94 22.62 -0.12 18.75
C ALA B 94 23.66 -0.99 19.53
N GLU B 95 24.82 -0.42 19.85
CA GLU B 95 25.80 -1.17 20.64
C GLU B 95 25.27 -1.58 22.01
N GLU B 96 24.79 -0.62 22.79
CA GLU B 96 24.22 -0.90 24.10
C GLU B 96 23.12 -1.97 24.03
N ALA B 97 22.21 -1.86 23.05
CA ALA B 97 21.11 -2.83 22.93
C ALA B 97 21.56 -4.23 22.49
N LEU B 98 22.41 -4.31 21.47
CA LEU B 98 22.84 -5.61 20.92
C LEU B 98 24.04 -6.21 21.69
N GLY B 99 24.89 -5.34 22.25
CA GLY B 99 25.94 -5.76 23.19
C GLY B 99 26.82 -6.92 22.75
N ASP B 100 26.80 -8.01 23.52
CA ASP B 100 27.64 -9.17 23.26
C ASP B 100 26.99 -10.17 22.28
N ASN B 101 25.92 -9.73 21.62
CA ASN B 101 25.19 -10.52 20.64
C ASN B 101 25.01 -9.75 19.33
N PRO B 102 26.08 -9.66 18.50
CA PRO B 102 25.99 -8.97 17.17
C PRO B 102 24.93 -9.56 16.22
N PRO B 103 24.32 -8.73 15.36
CA PRO B 103 23.42 -9.28 14.34
C PRO B 103 24.26 -9.91 13.21
N ASP B 104 23.60 -10.55 12.24
CA ASP B 104 24.31 -11.12 11.09
C ASP B 104 24.66 -10.10 10.04
N LEU B 105 23.85 -9.06 9.99
CA LEU B 105 23.91 -8.05 8.96
C LEU B 105 23.51 -6.67 9.48
N VAL B 106 24.23 -5.63 9.05
CA VAL B 106 23.88 -4.25 9.36
C VAL B 106 23.36 -3.61 8.05
N VAL B 107 22.15 -3.08 8.13
CA VAL B 107 21.62 -2.37 6.99
C VAL B 107 21.39 -0.99 7.52
N TYR B 108 21.93 0.00 6.81
CA TYR B 108 21.90 1.38 7.27
C TYR B 108 21.54 2.32 6.12
N ASP B 109 20.77 3.36 6.46
CA ASP B 109 20.41 4.43 5.54
C ASP B 109 21.59 5.33 5.37
N VAL B 110 21.64 6.04 4.26
CA VAL B 110 22.88 6.87 3.96
C VAL B 110 23.16 7.86 5.08
N PHE B 111 22.11 8.49 5.64
CA PHE B 111 22.35 9.55 6.66
C PHE B 111 23.19 9.01 7.84
N PRO B 112 22.72 7.95 8.53
CA PRO B 112 23.64 7.34 9.54
C PRO B 112 24.71 6.33 9.01
N PHE B 113 25.38 6.64 7.88
CA PHE B 113 26.39 5.69 7.34
C PHE B 113 27.57 5.58 8.29
N ILE B 114 27.78 6.60 9.13
CA ILE B 114 28.90 6.56 10.04
C ILE B 114 28.58 5.47 11.06
N ALA B 115 27.40 5.61 11.67
CA ALA B 115 26.86 4.63 12.61
C ALA B 115 26.89 3.24 11.99
N GLY B 116 26.28 3.10 10.81
CA GLY B 116 26.14 1.79 10.13
C GLY B 116 27.44 1.05 9.89
N ARG B 117 28.42 1.73 9.27
CA ARG B 117 29.65 1.06 8.95
C ARG B 117 30.47 0.81 10.21
N LEU B 118 30.28 1.65 11.24
CA LEU B 118 31.11 1.50 12.46
C LEU B 118 30.59 0.36 13.29
N LEU B 119 29.26 0.22 13.29
CA LEU B 119 28.63 -0.96 13.86
C LEU B 119 29.18 -2.23 13.16
N ALA B 120 29.25 -2.22 11.82
CA ALA B 120 29.73 -3.35 11.03
C ALA B 120 31.24 -3.59 11.22
N ALA B 121 32.00 -2.50 11.37
CA ALA B 121 33.44 -2.65 11.72
C ALA B 121 33.66 -3.24 13.16
N ARG B 122 32.84 -2.80 14.12
CA ARG B 122 32.95 -3.20 15.53
C ARG B 122 32.46 -4.65 15.74
N TRP B 123 31.49 -5.09 14.93
CA TRP B 123 30.95 -6.46 15.03
C TRP B 123 31.57 -7.45 14.05
N ASP B 124 32.42 -6.96 13.15
CA ASP B 124 32.97 -7.77 12.06
C ASP B 124 31.85 -8.43 11.23
N ARG B 125 30.89 -7.62 10.76
CA ARG B 125 29.71 -8.08 10.02
C ARG B 125 29.59 -7.34 8.68
N PRO B 126 29.00 -7.99 7.62
CA PRO B 126 28.88 -7.18 6.39
C PRO B 126 27.71 -6.21 6.51
N ALA B 127 27.70 -5.20 5.65
CA ALA B 127 26.70 -4.19 5.71
C ALA B 127 26.09 -3.94 4.33
N VAL B 128 24.86 -3.40 4.35
CA VAL B 128 24.19 -2.90 3.18
C VAL B 128 23.80 -1.46 3.47
N ARG B 129 23.96 -0.61 2.47
N ARG B 129 23.95 -0.60 2.46
CA ARG B 129 23.59 0.78 2.51
CA ARG B 129 23.60 0.80 2.53
C ARG B 129 22.24 0.92 1.80
C ARG B 129 22.28 0.99 1.77
N LEU B 130 21.36 1.72 2.39
CA LEU B 130 20.10 2.02 1.74
C LEU B 130 20.07 3.51 1.39
N THR B 131 19.52 3.79 0.21
CA THR B 131 19.37 5.17 -0.18
C THR B 131 18.08 5.37 -0.93
N GLY B 132 17.31 6.33 -0.48
CA GLY B 132 16.13 6.79 -1.20
C GLY B 132 16.47 7.95 -2.14
N GLY B 133 17.77 8.25 -2.29
CA GLY B 133 18.24 9.36 -3.14
C GLY B 133 19.15 8.78 -4.20
N PHE B 134 19.85 9.64 -4.95
CA PHE B 134 20.80 9.22 -5.98
C PHE B 134 22.02 8.46 -5.40
N ALA B 135 22.42 7.42 -6.12
CA ALA B 135 23.62 6.66 -5.81
C ALA B 135 24.83 7.55 -6.08
N ALA B 136 25.91 7.24 -5.37
CA ALA B 136 27.18 7.89 -5.54
C ALA B 136 28.25 6.84 -5.79
N ASN B 137 29.11 7.17 -6.74
CA ASN B 137 30.34 6.46 -6.97
C ASN B 137 31.39 7.52 -7.31
N GLU B 138 32.49 7.09 -7.94
CA GLU B 138 33.53 8.02 -8.44
C GLU B 138 33.11 8.93 -9.62
N HIS B 139 31.97 8.69 -10.27
CA HIS B 139 31.54 9.53 -11.45
C HIS B 139 30.48 10.61 -11.16
N TYR B 140 29.70 10.41 -10.10
CA TYR B 140 28.65 11.34 -9.73
C TYR B 140 28.41 11.18 -8.26
N SER B 141 28.26 12.31 -7.58
CA SER B 141 27.86 12.31 -6.18
C SER B 141 27.03 13.57 -5.99
N LEU B 142 25.76 13.38 -5.66
CA LEU B 142 24.87 14.49 -5.34
C LEU B 142 25.44 15.34 -4.20
N PHE B 143 25.97 14.68 -3.17
CA PHE B 143 26.52 15.41 -2.01
C PHE B 143 27.66 16.34 -2.44
N LYS B 144 28.57 15.83 -3.27
CA LYS B 144 29.64 16.68 -3.84
C LYS B 144 29.08 17.85 -4.64
N GLU B 145 28.07 17.58 -5.49
CA GLU B 145 27.44 18.67 -6.26
C GLU B 145 26.78 19.74 -5.35
N LEU B 146 26.10 19.32 -4.29
CA LEU B 146 25.50 20.25 -3.30
C LEU B 146 26.53 21.13 -2.56
N TRP B 147 27.59 20.51 -2.03
CA TRP B 147 28.65 21.27 -1.37
C TRP B 147 29.26 22.29 -2.33
N LYS B 148 29.50 21.86 -3.57
CA LYS B 148 30.07 22.70 -4.60
C LYS B 148 29.16 23.90 -4.87
N SER B 149 27.88 23.63 -5.10
CA SER B 149 26.96 24.70 -5.48
C SER B 149 26.75 25.68 -4.33
N ASN B 150 26.87 25.21 -3.09
CA ASN B 150 26.86 26.12 -1.94
C ASN B 150 28.20 26.68 -1.48
N GLY B 151 29.26 26.45 -2.27
CA GLY B 151 30.62 26.86 -1.91
C GLY B 151 31.18 26.34 -0.59
N GLN B 152 30.69 25.18 -0.14
CA GLN B 152 31.14 24.53 1.10
C GLN B 152 32.29 23.57 0.85
N ARG B 153 33.22 23.51 1.79
CA ARG B 153 34.19 22.43 1.78
C ARG B 153 33.54 21.08 2.12
N HIS B 154 34.08 20.02 1.55
CA HIS B 154 33.74 18.67 1.95
C HIS B 154 33.95 18.63 3.48
N PRO B 155 33.01 18.00 4.23
CA PRO B 155 33.11 18.01 5.69
C PRO B 155 34.44 17.48 6.18
N ALA B 156 35.03 16.55 5.44
CA ALA B 156 36.29 15.97 5.81
C ALA B 156 37.44 17.00 5.81
N ASP B 157 37.29 18.02 4.96
CA ASP B 157 38.27 19.12 4.85
C ASP B 157 37.99 20.24 5.85
N VAL B 158 37.12 19.97 6.82
CA VAL B 158 36.75 20.93 7.85
C VAL B 158 37.33 20.49 9.18
N GLU B 159 38.22 21.33 9.73
CA GLU B 159 39.05 20.94 10.86
C GLU B 159 38.27 20.35 12.06
N ALA B 160 37.27 21.12 12.51
CA ALA B 160 36.39 20.76 13.62
C ALA B 160 35.63 19.46 13.37
N VAL B 161 35.21 19.24 12.14
CA VAL B 161 34.55 17.99 11.78
C VAL B 161 35.58 16.88 11.66
N HIS B 162 36.68 17.19 10.97
CA HIS B 162 37.76 16.25 10.74
C HIS B 162 38.30 15.76 12.10
N SER B 163 38.46 16.68 13.06
CA SER B 163 39.01 16.32 14.37
C SER B 163 38.14 15.26 15.05
N VAL B 164 36.83 15.52 15.13
CA VAL B 164 35.90 14.61 15.79
C VAL B 164 35.87 13.24 15.10
N LEU B 165 35.92 13.25 13.77
CA LEU B 165 35.87 11.99 13.01
C LEU B 165 37.13 11.16 13.15
N VAL B 166 38.28 11.82 13.25
CA VAL B 166 39.52 11.12 13.56
C VAL B 166 39.41 10.36 14.90
N ASP B 167 38.96 11.06 15.95
CA ASP B 167 38.76 10.47 17.29
C ASP B 167 37.81 9.29 17.19
N LEU B 168 36.63 9.56 16.61
CA LEU B 168 35.57 8.56 16.48
C LEU B 168 36.04 7.29 15.74
N LEU B 169 36.55 7.47 14.52
CA LEU B 169 37.16 6.40 13.73
C LEU B 169 38.31 5.63 14.39
N GLY B 170 39.12 6.31 15.20
CA GLY B 170 40.22 5.64 15.91
C GLY B 170 39.71 4.67 16.98
N LYS B 171 38.71 5.12 17.75
CA LYS B 171 38.04 4.30 18.77
C LYS B 171 37.60 2.95 18.21
N TYR B 172 37.39 2.90 16.90
CA TYR B 172 36.92 1.71 16.20
C TYR B 172 37.95 1.11 15.26
N GLY B 173 39.22 1.28 15.62
CA GLY B 173 40.36 0.70 14.89
C GLY B 173 40.35 0.97 13.40
N VAL B 174 39.74 2.09 13.01
CA VAL B 174 39.74 2.63 11.64
C VAL B 174 40.80 3.72 11.52
N ASP B 175 41.78 3.50 10.64
CA ASP B 175 42.88 4.45 10.42
C ASP B 175 42.80 5.11 9.04
N THR B 176 41.79 4.73 8.25
CA THR B 176 41.53 5.27 6.91
C THR B 176 41.38 6.80 6.95
N PRO B 177 42.01 7.56 6.00
CA PRO B 177 41.85 9.04 6.00
C PRO B 177 40.35 9.44 5.98
N VAL B 178 39.97 10.57 6.60
CA VAL B 178 38.54 10.87 6.81
C VAL B 178 37.78 11.02 5.51
N LYS B 179 38.38 11.73 4.55
CA LYS B 179 37.70 11.97 3.28
C LYS B 179 37.52 10.68 2.49
N GLU B 180 38.48 9.75 2.61
CA GLU B 180 38.31 8.50 1.88
C GLU B 180 37.25 7.58 2.50
N TYR B 181 37.43 7.28 3.78
CA TYR B 181 36.37 6.63 4.54
C TYR B 181 34.99 7.20 4.15
N TRP B 182 34.89 8.53 4.14
CA TRP B 182 33.65 9.21 3.72
C TRP B 182 33.14 8.71 2.38
N ASP B 183 34.05 8.60 1.42
CA ASP B 183 33.69 8.24 0.06
C ASP B 183 33.70 6.75 -0.29
N GLU B 184 34.01 5.87 0.66
CA GLU B 184 34.05 4.44 0.36
C GLU B 184 32.65 3.99 -0.09
N ILE B 185 32.62 3.08 -1.06
CA ILE B 185 31.40 2.42 -1.59
C ILE B 185 31.10 1.15 -0.77
N GLU B 186 29.83 0.96 -0.41
CA GLU B 186 29.46 -0.25 0.32
C GLU B 186 29.42 -1.51 -0.54
N GLY B 187 29.57 -2.66 0.11
CA GLY B 187 29.48 -4.00 -0.52
C GLY B 187 28.24 -4.16 -1.39
N LEU B 188 27.10 -3.66 -0.89
CA LEU B 188 25.86 -3.55 -1.62
C LEU B 188 25.19 -2.27 -1.16
N THR B 189 24.54 -1.64 -2.13
CA THR B 189 23.74 -0.47 -1.93
C THR B 189 22.45 -0.72 -2.71
N ILE B 190 21.33 -0.61 -2.00
CA ILE B 190 20.03 -0.77 -2.61
C ILE B 190 19.55 0.64 -2.85
N VAL B 191 19.30 0.95 -4.12
CA VAL B 191 18.83 2.32 -4.45
C VAL B 191 17.36 2.31 -4.80
N PHE B 192 16.55 3.03 -4.03
CA PHE B 192 15.09 2.91 -4.17
C PHE B 192 14.67 3.87 -5.31
N LEU B 193 15.33 3.77 -6.44
CA LEU B 193 15.02 4.58 -7.63
C LEU B 193 15.00 3.68 -8.85
N PRO B 194 14.26 4.06 -9.91
CA PRO B 194 14.42 3.30 -11.14
C PRO B 194 15.74 3.75 -11.78
N LYS B 195 16.51 2.82 -12.37
CA LYS B 195 17.81 3.18 -12.93
C LYS B 195 17.84 4.41 -13.86
N SER B 196 16.83 4.60 -14.70
CA SER B 196 16.83 5.72 -15.65
C SER B 196 16.70 7.08 -15.00
N PHE B 197 16.24 7.11 -13.76
CA PHE B 197 16.20 8.37 -13.03
C PHE B 197 17.57 8.79 -12.48
N GLN B 198 18.51 7.85 -12.46
CA GLN B 198 19.83 8.09 -11.87
C GLN B 198 20.78 8.83 -12.85
N PRO B 199 21.31 10.01 -12.44
CA PRO B 199 22.37 10.65 -13.20
C PRO B 199 23.57 9.71 -13.40
N PHE B 200 24.09 9.65 -14.62
CA PHE B 200 25.27 8.77 -14.91
C PHE B 200 25.02 7.26 -14.60
N ALA B 201 23.79 6.82 -14.83
CA ALA B 201 23.35 5.48 -14.42
C ALA B 201 24.27 4.34 -14.90
N GLU B 202 24.67 4.42 -16.17
CA GLU B 202 25.60 3.44 -16.81
C GLU B 202 26.92 3.12 -16.09
N THR B 203 27.43 4.06 -15.29
CA THR B 203 28.72 3.91 -14.58
C THR B 203 28.59 3.07 -13.27
N PHE B 204 27.33 2.80 -12.88
CA PHE B 204 27.04 2.17 -11.59
C PHE B 204 27.08 0.64 -11.64
N ASP B 205 28.03 0.06 -10.91
CA ASP B 205 28.39 -1.37 -11.01
C ASP B 205 27.46 -2.31 -10.23
N GLU B 206 27.84 -3.59 -10.19
CA GLU B 206 26.99 -4.68 -9.67
C GLU B 206 26.63 -4.53 -8.20
N ARG B 207 27.44 -3.79 -7.45
CA ARG B 207 27.15 -3.54 -6.02
C ARG B 207 26.01 -2.54 -5.79
N PHE B 208 25.38 -2.10 -6.87
CA PHE B 208 24.25 -1.12 -6.83
C PHE B 208 23.00 -1.73 -7.45
N ALA B 209 21.96 -1.86 -6.65
CA ALA B 209 20.70 -2.41 -7.17
C ALA B 209 19.63 -1.31 -7.23
N PHE B 210 19.25 -0.89 -8.45
CA PHE B 210 18.18 0.14 -8.64
C PHE B 210 16.80 -0.52 -8.67
N VAL B 211 16.18 -0.59 -7.49
CA VAL B 211 15.04 -1.48 -7.26
C VAL B 211 13.72 -0.70 -7.36
N GLY B 212 13.85 0.62 -7.48
CA GLY B 212 12.71 1.47 -7.62
C GLY B 212 12.06 1.85 -6.30
N PRO B 213 11.06 2.72 -6.35
CA PRO B 213 10.34 3.10 -5.15
C PRO B 213 9.63 1.90 -4.54
N THR B 214 9.56 1.87 -3.21
CA THR B 214 8.68 0.91 -2.56
C THR B 214 7.28 1.41 -2.90
N LEU B 215 6.44 0.49 -3.40
CA LEU B 215 5.04 0.76 -3.72
C LEU B 215 4.47 -0.35 -4.60
N GLN B 221 -9.59 0.74 2.68
CA GLN B 221 -10.61 1.67 2.22
C GLN B 221 -10.80 1.51 0.70
N PRO B 222 -12.05 1.30 0.25
CA PRO B 222 -12.33 1.57 -1.14
C PRO B 222 -11.68 2.89 -1.47
N GLY B 223 -11.17 2.99 -2.67
CA GLY B 223 -10.46 4.16 -3.05
C GLY B 223 -11.40 5.22 -3.60
N TRP B 224 -10.79 6.35 -3.86
CA TRP B 224 -11.45 7.47 -4.44
C TRP B 224 -11.78 7.13 -5.91
N GLN B 225 -12.92 7.61 -6.38
CA GLN B 225 -13.35 7.46 -7.76
C GLN B 225 -13.76 8.84 -8.26
N PRO B 226 -13.41 9.17 -9.51
CA PRO B 226 -13.78 10.49 -10.04
C PRO B 226 -15.31 10.56 -10.15
N PRO B 227 -15.91 11.72 -9.80
CA PRO B 227 -17.37 11.81 -9.86
C PRO B 227 -17.87 11.93 -11.31
N ARG B 228 -17.03 12.45 -12.18
CA ARG B 228 -17.34 12.54 -13.58
C ARG B 228 -16.23 11.84 -14.35
N PRO B 229 -16.54 10.67 -14.92
CA PRO B 229 -15.59 9.80 -15.60
C PRO B 229 -14.79 10.43 -16.76
N ASP B 230 -15.32 11.45 -17.41
CA ASP B 230 -14.59 12.04 -18.52
C ASP B 230 -13.66 13.18 -18.10
N ALA B 231 -13.72 13.58 -16.84
CA ALA B 231 -13.06 14.81 -16.41
C ALA B 231 -11.56 14.57 -16.29
N PRO B 232 -10.77 15.52 -16.79
CA PRO B 232 -9.35 15.44 -16.52
C PRO B 232 -9.17 15.70 -15.01
N VAL B 233 -8.40 14.84 -14.33
CA VAL B 233 -8.19 14.92 -12.89
C VAL B 233 -6.78 15.47 -12.55
N LEU B 234 -6.75 16.42 -11.65
CA LEU B 234 -5.49 17.02 -11.13
C LEU B 234 -5.32 16.68 -9.63
N LEU B 235 -4.16 16.12 -9.28
CA LEU B 235 -3.84 15.95 -7.86
C LEU B 235 -2.94 17.12 -7.43
N VAL B 236 -3.32 17.83 -6.36
CA VAL B 236 -2.43 18.82 -5.74
C VAL B 236 -2.01 18.41 -4.32
N SER B 237 -0.72 18.39 -4.06
CA SER B 237 -0.21 18.06 -2.74
C SER B 237 1.13 18.72 -2.48
N LEU B 238 1.31 19.24 -1.26
CA LEU B 238 2.65 19.73 -0.93
C LEU B 238 3.29 18.89 0.19
N GLY B 239 2.81 17.67 0.38
CA GLY B 239 3.23 16.81 1.49
C GLY B 239 2.39 17.12 2.72
N ASN B 240 2.69 16.45 3.84
CA ASN B 240 2.09 16.82 5.10
C ASN B 240 2.95 17.90 5.77
N GLN B 241 2.77 19.14 5.29
CA GLN B 241 3.59 20.30 5.69
C GLN B 241 3.46 20.61 7.18
N PHE B 242 4.45 21.28 7.76
CA PHE B 242 4.29 21.83 9.09
C PHE B 242 3.79 23.26 8.98
N ASN B 243 4.48 24.04 8.15
CA ASN B 243 4.02 25.38 7.80
C ASN B 243 2.87 25.34 6.79
N GLU B 244 1.97 26.30 6.92
CA GLU B 244 0.68 26.23 6.27
C GLU B 244 0.62 27.20 5.09
N HIS B 245 0.14 26.69 3.95
CA HIS B 245 -0.01 27.47 2.72
C HIS B 245 -1.48 27.52 2.29
N PRO B 246 -2.35 28.11 3.14
CA PRO B 246 -3.74 28.16 2.70
C PRO B 246 -3.84 28.92 1.36
N GLU B 247 -3.00 29.93 1.20
CA GLU B 247 -3.05 30.83 0.07
C GLU B 247 -2.86 30.11 -1.27
N PHE B 248 -1.89 29.20 -1.30
CA PHE B 248 -1.63 28.39 -2.49
C PHE B 248 -2.83 27.49 -2.85
N PHE B 249 -3.43 26.83 -1.86
CA PHE B 249 -4.55 25.91 -2.13
C PHE B 249 -5.76 26.68 -2.58
N ARG B 250 -5.99 27.88 -2.01
CA ARG B 250 -7.05 28.78 -2.49
C ARG B 250 -6.81 29.23 -3.94
N ALA B 251 -5.55 29.56 -4.26
CA ALA B 251 -5.20 29.96 -5.63
C ALA B 251 -5.45 28.82 -6.63
N CYS B 252 -5.10 27.57 -6.25
CA CYS B 252 -5.43 26.37 -7.06
C CYS B 252 -6.93 26.19 -7.24
N ALA B 253 -7.68 26.35 -6.16
CA ALA B 253 -9.15 26.22 -6.19
C ALA B 253 -9.71 27.25 -7.21
N GLN B 254 -9.22 28.48 -7.12
CA GLN B 254 -9.64 29.59 -8.02
C GLN B 254 -9.27 29.30 -9.47
N ALA B 255 -8.07 28.76 -9.67
CA ALA B 255 -7.53 28.44 -10.98
C ALA B 255 -8.41 27.47 -11.80
N PHE B 256 -8.92 26.42 -11.14
CA PHE B 256 -9.67 25.39 -11.81
C PHE B 256 -11.18 25.46 -11.64
N ALA B 257 -11.67 26.43 -10.85
CA ALA B 257 -13.11 26.70 -10.73
C ALA B 257 -13.58 26.99 -12.17
N ASP B 258 -14.74 26.44 -12.55
CA ASP B 258 -15.36 26.71 -13.88
C ASP B 258 -14.59 26.12 -15.09
N THR B 259 -13.65 25.21 -14.81
CA THR B 259 -12.97 24.44 -15.89
C THR B 259 -13.52 23.02 -15.90
N PRO B 260 -13.21 22.22 -16.97
CA PRO B 260 -13.63 20.81 -16.94
C PRO B 260 -12.88 19.93 -15.91
N TRP B 261 -11.82 20.48 -15.29
CA TRP B 261 -10.94 19.67 -14.39
C TRP B 261 -11.70 19.24 -13.15
N HIS B 262 -11.33 18.10 -12.61
CA HIS B 262 -11.66 17.77 -11.22
C HIS B 262 -10.36 17.78 -10.44
N VAL B 263 -10.34 18.55 -9.37
CA VAL B 263 -9.10 18.78 -8.59
C VAL B 263 -9.27 18.19 -7.18
N VAL B 264 -8.27 17.41 -6.77
CA VAL B 264 -8.23 16.85 -5.44
C VAL B 264 -7.00 17.44 -4.79
N ALA B 266 -4.63 17.59 -1.46
CA ALA B 266 -4.29 16.99 -0.18
C ALA B 266 -3.50 18.07 0.54
N ILE B 267 -4.09 18.57 1.63
CA ILE B 267 -3.54 19.74 2.34
C ILE B 267 -2.72 19.41 3.60
N GLY B 268 -2.68 18.13 3.98
CA GLY B 268 -1.93 17.71 5.16
C GLY B 268 -2.68 17.84 6.46
N GLY B 269 -2.06 17.33 7.52
CA GLY B 269 -2.68 17.20 8.84
C GLY B 269 -2.65 18.43 9.73
N PHE B 270 -2.12 19.54 9.23
CA PHE B 270 -2.02 20.79 10.00
C PHE B 270 -3.07 21.82 9.60
N LEU B 271 -3.41 21.85 8.33
CA LEU B 271 -4.36 22.82 7.82
C LEU B 271 -5.81 22.34 7.92
N ASP B 272 -6.69 23.23 8.39
CA ASP B 272 -8.09 22.93 8.55
C ASP B 272 -8.73 23.19 7.17
N PRO B 273 -9.35 22.18 6.54
CA PRO B 273 -9.97 22.44 5.21
C PRO B 273 -10.97 23.60 5.20
N ALA B 274 -11.67 23.82 6.32
CA ALA B 274 -12.55 25.01 6.50
C ALA B 274 -11.89 26.36 6.19
N VAL B 275 -10.63 26.50 6.60
CA VAL B 275 -9.78 27.66 6.32
C VAL B 275 -9.78 28.11 4.85
N LEU B 276 -9.98 27.18 3.90
CA LEU B 276 -9.95 27.53 2.48
C LEU B 276 -11.24 28.18 1.98
N GLY B 277 -12.28 28.23 2.82
CA GLY B 277 -13.58 28.81 2.43
C GLY B 277 -14.38 27.90 1.50
N PRO B 278 -15.58 28.32 1.09
CA PRO B 278 -16.31 27.51 0.10
C PRO B 278 -15.50 27.09 -1.16
N LEU B 279 -15.68 25.86 -1.62
CA LEU B 279 -15.03 25.39 -2.85
C LEU B 279 -16.06 25.16 -3.94
N PRO B 280 -15.66 25.35 -5.20
CA PRO B 280 -16.57 25.01 -6.30
C PRO B 280 -16.77 23.49 -6.36
N PRO B 281 -17.76 22.99 -7.12
CA PRO B 281 -18.11 21.59 -7.01
C PRO B 281 -17.10 20.65 -7.61
N ASN B 282 -16.18 21.15 -8.44
CA ASN B 282 -15.14 20.32 -9.07
C ASN B 282 -13.77 20.35 -8.34
N VAL B 283 -13.75 20.91 -7.12
CA VAL B 283 -12.51 20.98 -6.31
C VAL B 283 -12.81 20.41 -4.93
N GLU B 284 -11.98 19.47 -4.51
CA GLU B 284 -12.13 18.89 -3.19
C GLU B 284 -10.84 19.02 -2.39
N ALA B 285 -10.97 19.20 -1.07
CA ALA B 285 -9.81 19.34 -0.19
C ALA B 285 -9.87 18.36 0.97
N HIS B 286 -8.74 17.74 1.31
CA HIS B 286 -8.70 16.71 2.34
C HIS B 286 -7.37 16.85 3.02
N GLN B 287 -7.32 16.66 4.33
CA GLN B 287 -6.04 16.54 5.03
C GLN B 287 -5.26 15.33 4.50
N TRP B 288 -5.98 14.21 4.39
CA TRP B 288 -5.41 12.94 3.93
C TRP B 288 -6.24 12.43 2.74
N ILE B 289 -5.57 11.96 1.68
CA ILE B 289 -6.26 11.33 0.54
C ILE B 289 -5.46 10.04 0.21
N PRO B 290 -6.10 8.97 -0.35
CA PRO B 290 -5.21 7.91 -0.83
C PRO B 290 -4.62 8.27 -2.17
N PHE B 291 -3.33 8.65 -2.16
CA PHE B 291 -2.69 9.27 -3.31
C PHE B 291 -2.78 8.44 -4.58
N HIS B 292 -2.45 7.16 -4.45
CA HIS B 292 -2.38 6.25 -5.62
C HIS B 292 -3.77 6.13 -6.30
N SER B 293 -4.86 6.07 -5.52
CA SER B 293 -6.20 5.94 -6.14
C SER B 293 -6.50 7.20 -6.95
N VAL B 294 -6.05 8.38 -6.48
CA VAL B 294 -6.29 9.62 -7.25
C VAL B 294 -5.34 9.63 -8.46
N LEU B 295 -4.06 9.33 -8.22
CA LEU B 295 -3.06 9.34 -9.31
C LEU B 295 -3.42 8.36 -10.42
N ALA B 296 -4.01 7.21 -10.04
CA ALA B 296 -4.45 6.30 -11.10
C ALA B 296 -5.38 6.95 -12.14
N HIS B 297 -6.18 7.97 -11.70
CA HIS B 297 -7.15 8.67 -12.59
C HIS B 297 -6.61 10.02 -13.11
N ALA B 298 -5.43 10.43 -12.63
CA ALA B 298 -4.91 11.78 -12.89
C ALA B 298 -4.29 12.00 -14.27
N ARG B 299 -4.58 13.19 -14.79
N ARG B 299 -4.59 13.17 -14.85
CA ARG B 299 -3.99 13.65 -16.01
CA ARG B 299 -3.90 13.61 -16.06
C ARG B 299 -2.68 14.43 -15.74
C ARG B 299 -2.63 14.43 -15.74
N ALA B 300 -2.57 15.00 -14.54
CA ALA B 300 -1.35 15.70 -14.09
C ALA B 300 -1.34 15.73 -12.58
N CYS B 301 -0.19 16.07 -11.99
CA CYS B 301 -0.08 16.27 -10.57
C CYS B 301 0.77 17.53 -10.32
N LEU B 302 0.32 18.39 -9.39
CA LEU B 302 1.00 19.60 -9.01
C LEU B 302 1.55 19.36 -7.64
N THR B 303 2.87 19.42 -7.54
CA THR B 303 3.49 18.97 -6.30
C THR B 303 4.83 19.66 -6.01
N HIS B 304 5.31 19.49 -4.77
CA HIS B 304 6.59 20.05 -4.36
C HIS B 304 7.79 19.40 -5.07
N GLY B 305 7.74 18.09 -5.33
CA GLY B 305 8.78 17.47 -6.16
C GLY B 305 9.96 16.80 -5.43
N THR B 306 9.74 16.37 -4.18
CA THR B 306 10.68 15.45 -3.53
C THR B 306 10.71 14.13 -4.29
N THR B 307 11.76 13.33 -4.06
CA THR B 307 11.96 12.06 -4.76
C THR B 307 10.75 11.16 -4.63
N GLY B 308 10.29 10.96 -3.38
CA GLY B 308 9.11 10.17 -3.08
C GLY B 308 7.88 10.56 -3.87
N ALA B 309 7.52 11.85 -3.80
CA ALA B 309 6.36 12.40 -4.51
C ALA B 309 6.46 12.18 -6.02
N VAL B 310 7.64 12.45 -6.56
CA VAL B 310 7.83 12.42 -7.99
C VAL B 310 7.70 10.97 -8.52
N LEU B 311 8.35 10.03 -7.85
CA LEU B 311 8.26 8.60 -8.24
C LEU B 311 6.86 7.98 -8.09
N GLU B 312 6.09 8.44 -7.11
CA GLU B 312 4.71 7.94 -6.97
C GLU B 312 3.89 8.37 -8.18
N ALA B 313 4.11 9.60 -8.63
CA ALA B 313 3.39 10.09 -9.80
C ALA B 313 3.82 9.33 -11.05
N PHE B 314 5.12 9.21 -11.27
CA PHE B 314 5.63 8.48 -12.43
C PHE B 314 5.24 6.98 -12.41
N ALA B 315 5.13 6.37 -11.22
CA ALA B 315 4.66 4.94 -11.10
C ALA B 315 3.26 4.78 -11.69
N ALA B 316 2.46 5.85 -11.68
CA ALA B 316 1.13 5.87 -12.25
C ALA B 316 1.07 6.52 -13.63
N GLY B 317 2.23 6.85 -14.19
CA GLY B 317 2.32 7.53 -15.50
C GLY B 317 1.76 8.96 -15.54
N VAL B 318 1.90 9.71 -14.44
CA VAL B 318 1.32 11.05 -14.37
C VAL B 318 2.43 12.11 -14.45
N PRO B 319 2.33 13.00 -15.46
CA PRO B 319 3.33 14.07 -15.56
C PRO B 319 3.16 15.15 -14.51
N LEU B 320 4.24 15.89 -14.29
CA LEU B 320 4.34 16.76 -13.12
C LEU B 320 4.45 18.22 -13.45
N VAL B 321 3.84 19.05 -12.59
CA VAL B 321 4.14 20.46 -12.50
C VAL B 321 4.66 20.61 -11.11
N LEU B 322 5.88 21.14 -11.02
CA LEU B 322 6.57 21.20 -9.73
C LEU B 322 6.54 22.60 -9.15
N VAL B 323 6.46 22.67 -7.83
CA VAL B 323 6.64 23.94 -7.11
C VAL B 323 7.70 23.69 -6.03
N PRO B 324 8.98 23.52 -6.42
CA PRO B 324 10.04 23.06 -5.49
C PRO B 324 10.44 24.04 -4.37
N HIS B 325 9.94 25.28 -4.41
CA HIS B 325 10.24 26.21 -3.30
C HIS B 325 9.51 25.81 -2.00
N PHE B 326 8.44 25.03 -2.12
CA PHE B 326 7.75 24.52 -0.92
C PHE B 326 8.54 23.43 -0.15
N ALA B 327 9.47 22.74 -0.83
CA ALA B 327 10.26 21.66 -0.22
C ALA B 327 11.78 21.82 -0.42
N THR B 328 12.52 21.90 0.69
CA THR B 328 13.97 22.11 0.60
C THR B 328 14.75 20.94 -0.05
N GLU B 329 14.32 19.69 0.20
CA GLU B 329 14.94 18.51 -0.41
C GLU B 329 14.63 18.41 -1.90
N ALA B 330 13.57 19.09 -2.33
CA ALA B 330 13.06 18.87 -3.67
C ALA B 330 14.00 19.32 -4.80
N ALA B 331 14.96 20.22 -4.52
CA ALA B 331 15.81 20.79 -5.58
C ALA B 331 16.43 19.78 -6.58
N PRO B 332 17.27 18.83 -6.10
CA PRO B 332 17.88 17.83 -6.99
C PRO B 332 16.90 16.95 -7.78
N SER B 333 15.83 16.54 -7.10
CA SER B 333 14.76 15.74 -7.71
C SER B 333 14.04 16.56 -8.76
N ALA B 334 13.64 17.79 -8.42
CA ALA B 334 13.02 18.73 -9.37
C ALA B 334 13.90 18.98 -10.60
N GLU B 335 15.19 19.24 -10.37
CA GLU B 335 16.19 19.49 -11.42
C GLU B 335 16.27 18.31 -12.39
N ARG B 336 16.25 17.09 -11.83
CA ARG B 336 16.27 15.88 -12.63
C ARG B 336 14.98 15.68 -13.48
N VAL B 337 13.82 15.98 -12.89
CA VAL B 337 12.55 15.95 -13.60
C VAL B 337 12.61 16.85 -14.86
N ILE B 338 13.15 18.05 -14.67
CA ILE B 338 13.26 19.04 -15.76
C ILE B 338 14.26 18.54 -16.77
N GLU B 339 15.40 18.08 -16.27
CA GLU B 339 16.46 17.57 -17.12
C GLU B 339 15.94 16.47 -18.04
N LEU B 340 15.12 15.57 -17.50
CA LEU B 340 14.61 14.44 -18.29
C LEU B 340 13.32 14.77 -19.12
N GLY B 341 12.82 16.00 -19.01
CA GLY B 341 11.55 16.42 -19.66
C GLY B 341 10.33 15.65 -19.19
N LEU B 342 10.27 15.39 -17.89
CA LEU B 342 9.16 14.60 -17.27
C LEU B 342 8.16 15.51 -16.56
N GLY B 343 8.39 16.82 -16.61
CA GLY B 343 7.50 17.75 -15.95
C GLY B 343 7.96 19.20 -16.16
N SER B 344 7.27 20.15 -15.53
CA SER B 344 7.66 21.56 -15.59
C SER B 344 7.71 22.11 -14.19
N VAL B 345 8.22 23.33 -14.07
CA VAL B 345 8.37 23.93 -12.76
C VAL B 345 7.70 25.30 -12.77
N LEU B 346 7.03 25.62 -11.66
CA LEU B 346 6.43 26.92 -11.42
C LEU B 346 7.33 27.61 -10.40
N ARG B 347 7.82 28.78 -10.77
CA ARG B 347 8.50 29.67 -9.86
C ARG B 347 7.51 30.41 -8.92
N PRO B 348 7.99 30.88 -7.75
CA PRO B 348 7.10 31.53 -6.78
C PRO B 348 6.42 32.80 -7.30
N ASP B 349 6.91 33.32 -8.43
CA ASP B 349 6.25 34.47 -9.07
C ASP B 349 5.22 34.08 -10.12
N GLN B 350 4.94 32.78 -10.24
CA GLN B 350 4.01 32.30 -11.25
C GLN B 350 2.84 31.56 -10.60
N LEU B 351 2.41 32.06 -9.43
CA LEU B 351 1.43 31.37 -8.61
C LEU B 351 0.05 32.03 -8.56
N GLU B 352 -0.19 33.02 -9.43
CA GLU B 352 -1.53 33.49 -9.68
C GLU B 352 -2.39 32.37 -10.31
N PRO B 353 -3.69 32.31 -9.96
CA PRO B 353 -4.55 31.24 -10.49
C PRO B 353 -4.42 31.03 -12.01
N ALA B 354 -4.52 32.10 -12.80
CA ALA B 354 -4.43 31.94 -14.25
C ALA B 354 -3.08 31.32 -14.71
N SER B 355 -2.00 31.66 -14.00
CA SER B 355 -0.68 31.09 -14.30
C SER B 355 -0.58 29.60 -13.98
N ILE B 356 -1.10 29.22 -12.82
CA ILE B 356 -1.19 27.82 -12.42
C ILE B 356 -1.99 27.06 -13.47
N ARG B 357 -3.14 27.59 -13.86
N ARG B 357 -3.13 27.59 -13.85
CA ARG B 357 -3.96 26.90 -14.85
CA ARG B 357 -3.94 26.90 -14.85
C ARG B 357 -3.21 26.70 -16.14
C ARG B 357 -3.20 26.69 -16.13
N GLU B 358 -2.63 27.77 -16.63
CA GLU B 358 -1.92 27.73 -17.90
C GLU B 358 -0.80 26.66 -17.89
N ALA B 359 -0.01 26.63 -16.82
CA ALA B 359 1.11 25.70 -16.71
C ALA B 359 0.61 24.25 -16.67
N VAL B 360 -0.46 24.01 -15.91
CA VAL B 360 -0.97 22.66 -15.78
C VAL B 360 -1.53 22.22 -17.15
N GLU B 361 -2.29 23.09 -17.82
CA GLU B 361 -2.86 22.72 -19.12
C GLU B 361 -1.80 22.47 -20.20
N ARG B 362 -0.78 23.32 -20.27
CA ARG B 362 0.31 23.10 -21.23
C ARG B 362 1.00 21.78 -20.97
N LEU B 363 1.31 21.52 -19.71
CA LEU B 363 2.01 20.29 -19.38
C LEU B 363 1.16 19.06 -19.70
N ALA B 364 -0.10 19.09 -19.27
CA ALA B 364 -0.98 17.94 -19.49
C ALA B 364 -1.18 17.61 -20.97
N ALA B 365 -1.08 18.64 -21.81
CA ALA B 365 -1.33 18.52 -23.24
C ALA B 365 -0.05 18.19 -24.00
N ASP B 366 1.07 18.08 -23.29
CA ASP B 366 2.35 17.90 -23.98
C ASP B 366 2.52 16.41 -24.20
N SER B 367 2.32 15.94 -25.43
CA SER B 367 2.36 14.50 -25.72
C SER B 367 3.78 13.89 -25.63
N ALA B 368 4.82 14.70 -25.94
CA ALA B 368 6.22 14.31 -25.74
C ALA B 368 6.55 14.01 -24.26
N VAL B 369 6.19 14.93 -23.36
CA VAL B 369 6.35 14.73 -21.92
C VAL B 369 5.56 13.47 -21.53
N ARG B 370 4.36 13.32 -22.07
CA ARG B 370 3.52 12.18 -21.68
C ARG B 370 4.18 10.83 -22.03
N GLU B 371 4.71 10.74 -23.24
CA GLU B 371 5.39 9.50 -23.64
C GLU B 371 6.67 9.24 -22.80
N ARG B 372 7.41 10.29 -22.48
CA ARG B 372 8.60 10.13 -21.61
C ARG B 372 8.18 9.56 -20.23
N VAL B 373 7.10 10.10 -19.69
CA VAL B 373 6.59 9.69 -18.38
C VAL B 373 6.07 8.25 -18.46
N ARG B 374 5.42 7.87 -19.56
CA ARG B 374 4.91 6.50 -19.68
C ARG B 374 6.07 5.53 -19.75
N ARG B 375 7.16 5.92 -20.40
CA ARG B 375 8.36 5.08 -20.36
C ARG B 375 8.95 5.02 -18.95
N GLN B 377 7.16 5.21 -16.15
CA GLN B 377 6.21 4.24 -15.53
C GLN B 377 6.64 2.80 -15.79
N ARG B 378 6.93 2.49 -17.05
CA ARG B 378 7.47 1.16 -17.42
C ARG B 378 8.78 0.81 -16.67
N ASP B 379 9.73 1.76 -16.60
N ASP B 379 9.72 1.75 -16.65
CA ASP B 379 11.02 1.56 -15.87
CA ASP B 379 10.98 1.58 -15.91
C ASP B 379 10.84 1.35 -14.36
C ASP B 379 10.67 1.21 -14.45
N ILE B 380 9.88 2.06 -13.79
CA ILE B 380 9.49 1.82 -12.38
C ILE B 380 8.93 0.41 -12.20
N LEU B 381 7.96 0.04 -13.03
CA LEU B 381 7.39 -1.27 -12.92
C LEU B 381 8.48 -2.37 -12.98
N SER B 382 9.44 -2.28 -13.91
CA SER B 382 10.43 -3.36 -14.07
C SER B 382 11.58 -3.29 -13.07
N SER B 383 11.57 -2.30 -12.21
CA SER B 383 12.68 -2.10 -11.29
C SER B 383 12.83 -3.22 -10.28
N GLY B 384 11.71 -3.76 -9.79
CA GLY B 384 11.76 -4.98 -8.96
C GLY B 384 11.15 -4.86 -7.59
N GLY B 385 11.19 -3.66 -7.02
CA GLY B 385 10.56 -3.36 -5.74
C GLY B 385 11.07 -4.07 -4.50
N PRO B 386 10.29 -4.06 -3.40
CA PRO B 386 10.70 -4.64 -2.11
C PRO B 386 11.02 -6.13 -2.20
N ALA B 387 10.27 -6.92 -2.98
CA ALA B 387 10.64 -8.34 -3.17
C ALA B 387 12.06 -8.52 -3.73
N ARG B 388 12.43 -7.73 -4.74
CA ARG B 388 13.81 -7.83 -5.29
C ARG B 388 14.87 -7.30 -4.28
N ALA B 389 14.54 -6.19 -3.62
CA ALA B 389 15.42 -5.63 -2.58
C ALA B 389 15.73 -6.70 -1.49
N ALA B 390 14.72 -7.48 -1.11
CA ALA B 390 14.96 -8.58 -0.18
C ALA B 390 15.77 -9.71 -0.83
N ASP B 391 15.50 -10.02 -2.10
CA ASP B 391 16.29 -11.05 -2.83
C ASP B 391 17.76 -10.62 -2.90
N GLU B 392 17.99 -9.33 -3.16
CA GLU B 392 19.35 -8.78 -3.17
C GLU B 392 20.04 -8.92 -1.80
N VAL B 393 19.32 -8.51 -0.76
CA VAL B 393 19.83 -8.68 0.60
C VAL B 393 20.23 -10.15 0.85
N GLU B 394 19.30 -11.08 0.60
CA GLU B 394 19.55 -12.53 0.84
C GLU B 394 20.69 -13.10 0.01
N ALA B 395 20.81 -12.61 -1.24
CA ALA B 395 21.82 -13.05 -2.21
C ALA B 395 23.21 -12.62 -1.71
N TYR B 396 23.36 -11.31 -1.44
CA TYR B 396 24.52 -10.74 -0.73
C TYR B 396 24.97 -11.55 0.50
N LEU B 397 24.03 -11.85 1.39
CA LEU B 397 24.30 -12.68 2.56
C LEU B 397 24.82 -14.04 2.14
N GLY B 398 24.33 -14.55 1.02
CA GLY B 398 24.83 -15.79 0.45
C GLY B 398 26.32 -15.72 0.13
N ARG B 399 26.73 -14.61 -0.50
CA ARG B 399 28.12 -14.42 -0.94
C ARG B 399 29.15 -14.18 0.20
N VAL B 400 28.82 -13.25 1.10
CA VAL B 400 29.71 -12.90 2.24
C VAL B 400 29.48 -13.73 3.52
N ALA B 401 28.42 -14.54 3.54
CA ALA B 401 28.11 -15.39 4.71
C ALA B 401 27.54 -16.78 4.34
N PRO B 402 28.41 -17.71 3.90
CA PRO B 402 27.98 -19.08 3.57
C PRO B 402 27.92 -19.99 4.79
#